data_1LRP
# 
_entry.id   1LRP 
# 
_audit_conform.dict_name       mmcif_pdbx.dic 
_audit_conform.dict_version    5.379 
_audit_conform.dict_location   http://mmcif.pdb.org/dictionaries/ascii/mmcif_pdbx.dic 
# 
loop_
_database_2.database_id 
_database_2.database_code 
_database_2.pdbx_database_accession 
_database_2.pdbx_DOI 
PDB   1LRP         pdb_00001lrp 10.2210/pdb1lrp/pdb 
WWPDB D_1000174806 ?            ?                   
# 
_pdbx_database_status.status_code                     REL 
_pdbx_database_status.entry_id                        1LRP 
_pdbx_database_status.recvd_initial_deposition_date   1987-12-04 
_pdbx_database_status.deposit_site                    ? 
_pdbx_database_status.process_site                    BNL 
_pdbx_database_status.SG_entry                        . 
_pdbx_database_status.pdb_format_compatible           Y 
_pdbx_database_status.status_code_mr                  ? 
_pdbx_database_status.status_code_sf                  ? 
_pdbx_database_status.status_code_cs                  ? 
_pdbx_database_status.status_code_nmr_data            ? 
_pdbx_database_status.methods_development_category    ? 
# 
loop_
_audit_author.name 
_audit_author.pdbx_ordinal 
'Pabo, C.'  1 
'Lewis, M.' 2 
# 
loop_
_citation.id 
_citation.title 
_citation.journal_abbrev 
_citation.journal_volume 
_citation.page_first 
_citation.page_last 
_citation.year 
_citation.journal_id_ASTM 
_citation.country 
_citation.journal_id_ISSN 
_citation.journal_id_CSD 
_citation.book_publisher 
_citation.pdbx_database_id_PubMed 
_citation.pdbx_database_id_DOI 
primary 'Comparison of the structures of cro and lambda repressor proteins from bacteriophage lambda.' J.Mol.Biol. 169 757 769 
1983 JMOBAK UK 0022-2836 0070 ? 6226802 '10.1016/S0022-2836(83)80169-7' 
1       
'Structure of the Operator-Binding Domain of Bacteriophage Lambda Repressor. Implications for DNA Recognition and Gene Regulation' 
'Cold Spring Harbor Symp.Quant.Biol.' 47  435 ?   1983 CSHSAZ US 0091-7451 0421 ? ?       ?                               
2       'Homology Among DNA-Binding Proteins Suggests Use of a Conserved Super-Secondary Structure' Nature 298 447 ?   1982 NATUAS 
UK 0028-0836 0006 ? ?       ?                               
3       'The Operator-Binding Domain of Lambda Repressor. Structure and DNA Recognition' Nature                                298 
443 ?   1982 NATUAS UK 0028-0836 0006 ? ?       ?                               
4       'The N-Terminal Arms of Lambda Repressor Wrap Around the Operator DNA' Nature                                298 441 ?   
1982 NATUAS UK 0028-0836 0006 ? ?       ?                               
# 
loop_
_citation_author.citation_id 
_citation_author.name 
_citation_author.ordinal 
_citation_author.identifier_ORCID 
primary 'Ohlendorf, D.H.' 1  ? 
primary 'Anderson, W.F.'  2  ? 
primary 'Lewis, M.'       3  ? 
primary 'Pabo, C.O.'      4  ? 
primary 'Matthews, B.W.'  5  ? 
1       'Lewis, M.'       6  ? 
1       'Jeffrey, A.'     7  ? 
1       'Wang, J.'        8  ? 
1       'Ladner, R.'      9  ? 
1       'Ptashne, M.'     10 ? 
1       'Pabo, C.O.'      11 ? 
2       'Sauer, R.T.'     12 ? 
2       'Yocum, R.R.'     13 ? 
2       'Doolittle, R.F.' 14 ? 
2       'Lewis, M.'       15 ? 
2       'Pabo, C.O.'      16 ? 
3       'Pabo, C.O.'      17 ? 
3       'Lewis, M.'       18 ? 
4       'Pabo, C.O.'      19 ? 
4       'Krovatin, W.'    20 ? 
4       'Jeffrey, A.'     21 ? 
4       'Sauer, R.T.'     22 ? 
# 
_cell.entry_id           1LRP 
_cell.length_a           65.000 
_cell.length_b           65.000 
_cell.length_c           149.600 
_cell.angle_alpha        90.00 
_cell.angle_beta         90.00 
_cell.angle_gamma        120.00 
_cell.Z_PDB              18 
_cell.pdbx_unique_axis   ? 
# 
_symmetry.entry_id                         1LRP 
_symmetry.space_group_name_H-M             'P 32 2 1' 
_symmetry.pdbx_full_space_group_name_H-M   ? 
_symmetry.cell_setting                     ? 
_symmetry.Int_Tables_number                154 
# 
_entity.id                         1 
_entity.type                       polymer 
_entity.src_method                 man 
_entity.pdbx_description           'LAMBDA REPRESSOR' 
_entity.formula_weight             10136.613 
_entity.pdbx_number_of_molecules   3 
_entity.pdbx_ec                    ? 
_entity.pdbx_mutation              ? 
_entity.pdbx_fragment              ? 
_entity.details                    ? 
# 
_entity_poly.entity_id                      1 
_entity_poly.type                           'polypeptide(L)' 
_entity_poly.nstd_linkage                   no 
_entity_poly.nstd_monomer                   no 
_entity_poly.pdbx_seq_one_letter_code       
;STKKKPLTQEQLEDARRLKAIYEKKKNELGLSQESVADKMGMGQSGVGALFNGINALNAYNAALLAKILKVSVEEFSPSI
AREIYEMYEAVS
;
_entity_poly.pdbx_seq_one_letter_code_can   
;STKKKPLTQEQLEDARRLKAIYEKKKNELGLSQESVADKMGMGQSGVGALFNGINALNAYNAALLAKILKVSVEEFSPSI
AREIYEMYEAVS
;
_entity_poly.pdbx_strand_id                 A,B,C 
_entity_poly.pdbx_target_identifier         ? 
# 
loop_
_entity_poly_seq.entity_id 
_entity_poly_seq.num 
_entity_poly_seq.mon_id 
_entity_poly_seq.hetero 
1 1  SER n 
1 2  THR n 
1 3  LYS n 
1 4  LYS n 
1 5  LYS n 
1 6  PRO n 
1 7  LEU n 
1 8  THR n 
1 9  GLN n 
1 10 GLU n 
1 11 GLN n 
1 12 LEU n 
1 13 GLU n 
1 14 ASP n 
1 15 ALA n 
1 16 ARG n 
1 17 ARG n 
1 18 LEU n 
1 19 LYS n 
1 20 ALA n 
1 21 ILE n 
1 22 TYR n 
1 23 GLU n 
1 24 LYS n 
1 25 LYS n 
1 26 LYS n 
1 27 ASN n 
1 28 GLU n 
1 29 LEU n 
1 30 GLY n 
1 31 LEU n 
1 32 SER n 
1 33 GLN n 
1 34 GLU n 
1 35 SER n 
1 36 VAL n 
1 37 ALA n 
1 38 ASP n 
1 39 LYS n 
1 40 MET n 
1 41 GLY n 
1 42 MET n 
1 43 GLY n 
1 44 GLN n 
1 45 SER n 
1 46 GLY n 
1 47 VAL n 
1 48 GLY n 
1 49 ALA n 
1 50 LEU n 
1 51 PHE n 
1 52 ASN n 
1 53 GLY n 
1 54 ILE n 
1 55 ASN n 
1 56 ALA n 
1 57 LEU n 
1 58 ASN n 
1 59 ALA n 
1 60 TYR n 
1 61 ASN n 
1 62 ALA n 
1 63 ALA n 
1 64 LEU n 
1 65 LEU n 
1 66 ALA n 
1 67 LYS n 
1 68 ILE n 
1 69 LEU n 
1 70 LYS n 
1 71 VAL n 
1 72 SER n 
1 73 VAL n 
1 74 GLU n 
1 75 GLU n 
1 76 PHE n 
1 77 SER n 
1 78 PRO n 
1 79 SER n 
1 80 ILE n 
1 81 ALA n 
1 82 ARG n 
1 83 GLU n 
1 84 ILE n 
1 85 TYR n 
1 86 GLU n 
1 87 MET n 
1 88 TYR n 
1 89 GLU n 
1 90 ALA n 
1 91 VAL n 
1 92 SER n 
# 
_entity_src_gen.entity_id                          1 
_entity_src_gen.pdbx_src_id                        1 
_entity_src_gen.pdbx_alt_source_flag               sample 
_entity_src_gen.pdbx_seq_type                      ? 
_entity_src_gen.pdbx_beg_seq_num                   ? 
_entity_src_gen.pdbx_end_seq_num                   ? 
_entity_src_gen.gene_src_common_name               ? 
_entity_src_gen.gene_src_genus                     'Lambda-like viruses' 
_entity_src_gen.pdbx_gene_src_gene                 ? 
_entity_src_gen.gene_src_species                   ? 
_entity_src_gen.gene_src_strain                    ? 
_entity_src_gen.gene_src_tissue                    ? 
_entity_src_gen.gene_src_tissue_fraction           ? 
_entity_src_gen.gene_src_details                   ? 
_entity_src_gen.pdbx_gene_src_fragment             ? 
_entity_src_gen.pdbx_gene_src_scientific_name      'Enterobacteria phage lambda' 
_entity_src_gen.pdbx_gene_src_ncbi_taxonomy_id     10710 
_entity_src_gen.pdbx_gene_src_variant              ? 
_entity_src_gen.pdbx_gene_src_cell_line            ? 
_entity_src_gen.pdbx_gene_src_atcc                 ? 
_entity_src_gen.pdbx_gene_src_organ                ? 
_entity_src_gen.pdbx_gene_src_organelle            ? 
_entity_src_gen.pdbx_gene_src_cell                 ? 
_entity_src_gen.pdbx_gene_src_cellular_location    ? 
_entity_src_gen.host_org_common_name               ? 
_entity_src_gen.pdbx_host_org_scientific_name      ? 
_entity_src_gen.pdbx_host_org_ncbi_taxonomy_id     ? 
_entity_src_gen.host_org_genus                     ? 
_entity_src_gen.pdbx_host_org_gene                 ? 
_entity_src_gen.pdbx_host_org_organ                ? 
_entity_src_gen.host_org_species                   ? 
_entity_src_gen.pdbx_host_org_tissue               ? 
_entity_src_gen.pdbx_host_org_tissue_fraction      ? 
_entity_src_gen.pdbx_host_org_strain               ? 
_entity_src_gen.pdbx_host_org_variant              ? 
_entity_src_gen.pdbx_host_org_cell_line            ? 
_entity_src_gen.pdbx_host_org_atcc                 ? 
_entity_src_gen.pdbx_host_org_culture_collection   ? 
_entity_src_gen.pdbx_host_org_cell                 ? 
_entity_src_gen.pdbx_host_org_organelle            ? 
_entity_src_gen.pdbx_host_org_cellular_location    ? 
_entity_src_gen.pdbx_host_org_vector_type          ? 
_entity_src_gen.pdbx_host_org_vector               ? 
_entity_src_gen.host_org_details                   ? 
_entity_src_gen.expression_system_id               ? 
_entity_src_gen.plasmid_name                       ? 
_entity_src_gen.plasmid_details                    ? 
_entity_src_gen.pdbx_description                   ? 
# 
_struct_ref.id                         1 
_struct_ref.db_name                    UNP 
_struct_ref.db_code                    RPC1_LAMBD 
_struct_ref.entity_id                  1 
_struct_ref.pdbx_db_accession          P03034 
_struct_ref.pdbx_align_begin           1 
_struct_ref.pdbx_seq_one_letter_code   
;STKKKPLTQEQLEDARRLKAIYEKKKNELGLSQESVADKMGMGQSGVGALFNGINALNAYNAALLAKILKVSVEEFSPSI
AREIYEMYEAVSMQPSLRSEYEYPVFSHVQAGMFSPELRTFTKGDAERWVSTTKKASDSAFWLEVEGNSMTAPTGSKPSF
PDGMLILVDPEQAVEPGDFCIARLGGDEFTFKKLIRDSGQVFLQPLNPQYPMIPCNESCSVVGKVIASQWPEETFG
;
_struct_ref.pdbx_db_isoform            ? 
# 
loop_
_struct_ref_seq.align_id 
_struct_ref_seq.ref_id 
_struct_ref_seq.pdbx_PDB_id_code 
_struct_ref_seq.pdbx_strand_id 
_struct_ref_seq.seq_align_beg 
_struct_ref_seq.pdbx_seq_align_beg_ins_code 
_struct_ref_seq.seq_align_end 
_struct_ref_seq.pdbx_seq_align_end_ins_code 
_struct_ref_seq.pdbx_db_accession 
_struct_ref_seq.db_align_beg 
_struct_ref_seq.pdbx_db_align_beg_ins_code 
_struct_ref_seq.db_align_end 
_struct_ref_seq.pdbx_db_align_end_ins_code 
_struct_ref_seq.pdbx_auth_seq_align_beg 
_struct_ref_seq.pdbx_auth_seq_align_end 
1 1 1LRP A 1 ? 92 ? P03034 1 ? 92 ? 1 92 
2 1 1LRP B 1 ? 92 ? P03034 1 ? 92 ? 1 92 
3 1 1LRP C 1 ? 92 ? P03034 1 ? 92 ? 1 92 
# 
loop_
_chem_comp.id 
_chem_comp.type 
_chem_comp.mon_nstd_flag 
_chem_comp.name 
_chem_comp.pdbx_synonyms 
_chem_comp.formula 
_chem_comp.formula_weight 
ALA 'L-peptide linking' y ALANINE         ? 'C3 H7 N O2'     89.093  
ARG 'L-peptide linking' y ARGININE        ? 'C6 H15 N4 O2 1' 175.209 
ASN 'L-peptide linking' y ASPARAGINE      ? 'C4 H8 N2 O3'    132.118 
ASP 'L-peptide linking' y 'ASPARTIC ACID' ? 'C4 H7 N O4'     133.103 
GLN 'L-peptide linking' y GLUTAMINE       ? 'C5 H10 N2 O3'   146.144 
GLU 'L-peptide linking' y 'GLUTAMIC ACID' ? 'C5 H9 N O4'     147.129 
GLY 'peptide linking'   y GLYCINE         ? 'C2 H5 N O2'     75.067  
ILE 'L-peptide linking' y ISOLEUCINE      ? 'C6 H13 N O2'    131.173 
LEU 'L-peptide linking' y LEUCINE         ? 'C6 H13 N O2'    131.173 
LYS 'L-peptide linking' y LYSINE          ? 'C6 H15 N2 O2 1' 147.195 
MET 'L-peptide linking' y METHIONINE      ? 'C5 H11 N O2 S'  149.211 
PHE 'L-peptide linking' y PHENYLALANINE   ? 'C9 H11 N O2'    165.189 
PRO 'L-peptide linking' y PROLINE         ? 'C5 H9 N O2'     115.130 
SER 'L-peptide linking' y SERINE          ? 'C3 H7 N O3'     105.093 
THR 'L-peptide linking' y THREONINE       ? 'C4 H9 N O3'     119.119 
TYR 'L-peptide linking' y TYROSINE        ? 'C9 H11 N O3'    181.189 
VAL 'L-peptide linking' y VALINE          ? 'C5 H11 N O2'    117.146 
# 
_exptl.entry_id          1LRP 
_exptl.method            'X-RAY DIFFRACTION' 
_exptl.crystals_number   ? 
# 
_exptl_crystal.id                    1 
_exptl_crystal.density_meas          ? 
_exptl_crystal.density_Matthews      3.00 
_exptl_crystal.density_percent_sol   58.99 
_exptl_crystal.description           ? 
# 
_diffrn.id                     1 
_diffrn.ambient_temp           ? 
_diffrn.ambient_temp_details   ? 
_diffrn.crystal_id             1 
# 
_diffrn_radiation.diffrn_id                        1 
_diffrn_radiation.wavelength_id                    1 
_diffrn_radiation.pdbx_monochromatic_or_laue_m_l   ? 
_diffrn_radiation.monochromator                    ? 
_diffrn_radiation.pdbx_diffrn_protocol             ? 
_diffrn_radiation.pdbx_scattering_type             x-ray 
# 
_diffrn_radiation_wavelength.id           1 
_diffrn_radiation_wavelength.wavelength   . 
_diffrn_radiation_wavelength.wt           1.0 
# 
_refine.entry_id                                 1LRP 
_refine.ls_number_reflns_obs                     ? 
_refine.ls_number_reflns_all                     ? 
_refine.pdbx_ls_sigma_I                          ? 
_refine.pdbx_ls_sigma_F                          ? 
_refine.pdbx_data_cutoff_high_absF               ? 
_refine.pdbx_data_cutoff_low_absF                ? 
_refine.pdbx_data_cutoff_high_rms_absF           ? 
_refine.ls_d_res_low                             ? 
_refine.ls_d_res_high                            3.20 
_refine.ls_percent_reflns_obs                    ? 
_refine.ls_R_factor_obs                          ? 
_refine.ls_R_factor_all                          ? 
_refine.ls_R_factor_R_work                       ? 
_refine.ls_R_factor_R_free                       ? 
_refine.ls_R_factor_R_free_error                 ? 
_refine.ls_R_factor_R_free_error_details         ? 
_refine.ls_percent_reflns_R_free                 ? 
_refine.ls_number_reflns_R_free                  ? 
_refine.ls_number_parameters                     ? 
_refine.ls_number_restraints                     ? 
_refine.occupancy_min                            ? 
_refine.occupancy_max                            ? 
_refine.B_iso_mean                               ? 
_refine.aniso_B[1][1]                            ? 
_refine.aniso_B[2][2]                            ? 
_refine.aniso_B[3][3]                            ? 
_refine.aniso_B[1][2]                            ? 
_refine.aniso_B[1][3]                            ? 
_refine.aniso_B[2][3]                            ? 
_refine.solvent_model_details                    ? 
_refine.solvent_model_param_ksol                 ? 
_refine.solvent_model_param_bsol                 ? 
_refine.pdbx_ls_cross_valid_method               ? 
_refine.details                                  ? 
_refine.pdbx_starting_model                      ? 
_refine.pdbx_method_to_determine_struct          ? 
_refine.pdbx_isotropic_thermal_model             ? 
_refine.pdbx_stereochemistry_target_values       ? 
_refine.pdbx_stereochem_target_val_spec_case     ? 
_refine.pdbx_R_Free_selection_details            ? 
_refine.pdbx_overall_ESU_R                       ? 
_refine.pdbx_overall_ESU_R_Free                  ? 
_refine.overall_SU_ML                            ? 
_refine.overall_SU_B                             ? 
_refine.pdbx_refine_id                           'X-RAY DIFFRACTION' 
_refine.pdbx_diffrn_id                           1 
_refine.pdbx_TLS_residual_ADP_flag               ? 
_refine.correlation_coeff_Fo_to_Fc               ? 
_refine.correlation_coeff_Fo_to_Fc_free          ? 
_refine.pdbx_solvent_vdw_probe_radii             ? 
_refine.pdbx_solvent_ion_probe_radii             ? 
_refine.pdbx_solvent_shrinkage_radii             ? 
_refine.pdbx_overall_phase_error                 ? 
_refine.overall_SU_R_Cruickshank_DPI             ? 
_refine.pdbx_overall_SU_R_free_Cruickshank_DPI   ? 
_refine.pdbx_overall_SU_R_Blow_DPI               ? 
_refine.pdbx_overall_SU_R_free_Blow_DPI          ? 
# 
_refine_hist.pdbx_refine_id                   'X-RAY DIFFRACTION' 
_refine_hist.cycle_id                         LAST 
_refine_hist.pdbx_number_atoms_protein        267 
_refine_hist.pdbx_number_atoms_nucleic_acid   0 
_refine_hist.pdbx_number_atoms_ligand         0 
_refine_hist.number_atoms_solvent             0 
_refine_hist.number_atoms_total               267 
_refine_hist.d_res_high                       3.20 
_refine_hist.d_res_low                        . 
# 
loop_
_struct_ncs_oper.id 
_struct_ncs_oper.code 
_struct_ncs_oper.details 
_struct_ncs_oper.matrix[1][1] 
_struct_ncs_oper.matrix[1][2] 
_struct_ncs_oper.matrix[1][3] 
_struct_ncs_oper.vector[1] 
_struct_ncs_oper.matrix[2][1] 
_struct_ncs_oper.matrix[2][2] 
_struct_ncs_oper.matrix[2][3] 
_struct_ncs_oper.vector[2] 
_struct_ncs_oper.matrix[3][1] 
_struct_ncs_oper.matrix[3][2] 
_struct_ncs_oper.matrix[3][3] 
_struct_ncs_oper.vector[3] 
1 given ? -0.04516622 0.92039330  0.38856625 -0.00108 -0.43108580 -0.36822399 0.82363237  0.00096  0.90129868 -0.13068062 0.41341720 0.00041  
2 given ? -0.04466002 -0.43116406 0.90113528 0.00213  0.92042418  -0.36881577 -0.13023368 -0.00054 0.38809882 0.82373144  0.41339978 -0.00113 
# 
_struct.entry_id                  1LRP 
_struct.title                     'COMPARISON OF THE STRUCTURES OF CRO AND LAMBDA REPRESSOR PROTEINS FROM BACTERIOPHAGE LAMBDA' 
_struct.pdbx_model_details        ? 
_struct.pdbx_CASP_flag            ? 
_struct.pdbx_model_type_details   ? 
# 
_struct_keywords.entry_id        1LRP 
_struct_keywords.pdbx_keywords   'DNA BINDING REGULATORY PROTEIN' 
_struct_keywords.text            'DNA BINDING REGULATORY PROTEIN' 
# 
loop_
_struct_asym.id 
_struct_asym.pdbx_blank_PDB_chainid_flag 
_struct_asym.pdbx_modified 
_struct_asym.entity_id 
_struct_asym.details 
A N N 1 ? 
B N N 1 ? 
C N N 1 ? 
# 
loop_
_struct_biol.id 
_struct_biol.details 
_struct_biol.pdbx_parent_biol_id 
1 
;THE REPRESSOR MOLECULE CONSISTS OF A DIMER, AND COORDINATES
FOR THE SYMMETRY RELATED CHAIN CAN BE GENERATED FROM THE
CHAIN PRESENTED IN THIS ENTRY BY
      1.0       0.0       0.0            0.0
      0.0      -1.0       0.0            0.0
      0.0       0.0      -1.0            0.0
;
? 
2 ? ? 
# 
loop_
_struct_conf.conf_type_id 
_struct_conf.id 
_struct_conf.pdbx_PDB_helix_id 
_struct_conf.beg_label_comp_id 
_struct_conf.beg_label_asym_id 
_struct_conf.beg_label_seq_id 
_struct_conf.pdbx_beg_PDB_ins_code 
_struct_conf.end_label_comp_id 
_struct_conf.end_label_asym_id 
_struct_conf.end_label_seq_id 
_struct_conf.pdbx_end_PDB_ins_code 
_struct_conf.beg_auth_comp_id 
_struct_conf.beg_auth_asym_id 
_struct_conf.beg_auth_seq_id 
_struct_conf.end_auth_comp_id 
_struct_conf.end_auth_asym_id 
_struct_conf.end_auth_seq_id 
_struct_conf.pdbx_PDB_helix_class 
_struct_conf.details 
_struct_conf.pdbx_PDB_helix_length 
HELX_P HELX_P1  H1  GLN A 9  ? GLU A 23 ? GLN A 9  GLU A 23 1 ? 15 
HELX_P HELX_P2  H2  GLN A 33 ? LYS A 39 ? GLN A 33 LYS A 39 1 ? 7  
HELX_P HELX_P3  H3  GLN A 44 ? ASN A 52 ? GLN A 44 ASN A 52 1 ? 9  
HELX_P HELX_P4  H4  ASN A 61 ? LEU A 69 ? ASN A 61 LEU A 69 1 ? 9  
HELX_P HELX_P5  H5  SER A 79 ? SER A 92 ? SER A 79 SER A 92 1 ? 14 
HELX_P HELX_P6  H6  GLN B 9  ? GLU B 23 ? GLN B 9  GLU B 23 1 ? 15 
HELX_P HELX_P7  H7  GLN B 33 ? LYS B 39 ? GLN B 33 LYS B 39 1 ? 7  
HELX_P HELX_P8  H8  GLN B 44 ? ASN B 52 ? GLN B 44 ASN B 52 1 ? 9  
HELX_P HELX_P9  H8  ASN B 61 ? LEU B 69 ? ASN B 61 LEU B 69 1 ? 9  
HELX_P HELX_P10 H10 SER B 79 ? SER B 92 ? SER B 79 SER B 92 1 ? 14 
HELX_P HELX_P11 H11 GLN C 9  ? GLU C 23 ? GLN C 9  GLU C 23 1 ? 15 
HELX_P HELX_P12 H12 GLN C 33 ? LYS C 39 ? GLN C 33 LYS C 39 1 ? 7  
HELX_P HELX_P13 H13 GLN C 44 ? ASN C 52 ? GLN C 44 ASN C 52 1 ? 9  
HELX_P HELX_P14 H14 ASN C 61 ? LEU C 69 ? ASN C 61 LEU C 69 1 ? 9  
HELX_P HELX_P15 H15 SER C 79 ? SER C 92 ? SER C 79 SER C 92 1 ? 14 
# 
_struct_conf_type.id          HELX_P 
_struct_conf_type.criteria    ? 
_struct_conf_type.reference   ? 
# 
_atom_sites.entry_id                    1LRP 
_atom_sites.fract_transf_matrix[1][1]   0.00719866 
_atom_sites.fract_transf_matrix[1][2]   0.01221134 
_atom_sites.fract_transf_matrix[1][3]   -0.01070750 
_atom_sites.fract_transf_vector[1]      -0.835735 
_atom_sites.fract_transf_matrix[2][1]   -0.00761747 
_atom_sites.fract_transf_matrix[2][2]   0.01596375 
_atom_sites.fract_transf_matrix[2][3]   -0.00165171 
_atom_sites.fract_transf_vector[2]      -0.499776 
_atom_sites.fract_transf_matrix[3][1]   0.00368694 
_atom_sites.fract_transf_matrix[3][2]   0.00228546 
_atom_sites.fract_transf_matrix[3][3]   0.00508517 
_atom_sites.fract_transf_vector[3]      -0.082355 
# 
_atom_type.symbol   C 
# 
loop_
_atom_site.group_PDB 
_atom_site.id 
_atom_site.type_symbol 
_atom_site.label_atom_id 
_atom_site.label_alt_id 
_atom_site.label_comp_id 
_atom_site.label_asym_id 
_atom_site.label_entity_id 
_atom_site.label_seq_id 
_atom_site.pdbx_PDB_ins_code 
_atom_site.Cartn_x 
_atom_site.Cartn_y 
_atom_site.Cartn_z 
_atom_site.occupancy 
_atom_site.B_iso_or_equiv 
_atom_site.pdbx_formal_charge 
_atom_site.auth_seq_id 
_atom_site.auth_comp_id 
_atom_site.auth_asym_id 
_atom_site.auth_atom_id 
_atom_site.pdbx_PDB_model_num 
ATOM 1   C CA . LYS A 1 4  ? 12.199  -16.964 7.673   1.00 0.00 ? 4  LYS A CA 1 
ATOM 2   C CA . LYS A 1 5  ? 10.584  -13.678 8.664   1.00 0.00 ? 5  LYS A CA 1 
ATOM 3   C CA . PRO A 1 6  ? 8.307   -12.798 5.761   1.00 0.00 ? 6  PRO A CA 1 
ATOM 4   C CA . LEU A 1 7  ? 8.243   -10.141 3.046   1.00 0.00 ? 7  LEU A CA 1 
ATOM 5   C CA . THR A 1 8  ? 6.330   -6.914  3.613   1.00 0.00 ? 8  THR A CA 1 
ATOM 6   C CA . GLN A 1 9  ? 3.383   -5.577  1.622   1.00 0.00 ? 9  GLN A CA 1 
ATOM 7   C CA . GLU A 1 10 ? 5.430   -3.126  -0.437  1.00 0.00 ? 10 GLU A CA 1 
ATOM 8   C CA . GLN A 1 11 ? 8.601   -5.018  -1.312  1.00 0.00 ? 11 GLN A CA 1 
ATOM 9   C CA . LEU A 1 12 ? 6.235   -7.680  -2.633  1.00 0.00 ? 12 LEU A CA 1 
ATOM 10  C CA . GLU A 1 13 ? 4.396   -4.882  -4.445  1.00 0.00 ? 13 GLU A CA 1 
ATOM 11  C CA . ASP A 1 14 ? 7.667   -3.496  -5.792  1.00 0.00 ? 14 ASP A CA 1 
ATOM 12  C CA . ALA A 1 15 ? 8.656   -6.983  -6.922  1.00 0.00 ? 15 ALA A CA 1 
ATOM 13  C CA . ARG A 1 16 ? 5.348   -7.826  -8.588  1.00 0.00 ? 16 ARG A CA 1 
ATOM 14  C CA . ARG A 1 17 ? 6.126   -4.676  -10.565 1.00 0.00 ? 17 ARG A CA 1 
ATOM 15  C CA . LEU A 1 18 ? 9.431   -5.799  -12.036 1.00 0.00 ? 18 LEU A CA 1 
ATOM 16  C CA . LYS A 1 19 ? 7.895   -8.929  -13.549 1.00 0.00 ? 19 LYS A CA 1 
ATOM 17  C CA . ALA A 1 20 ? 5.564   -6.469  -15.109 1.00 0.00 ? 20 ALA A CA 1 
ATOM 18  C CA . ILE A 1 21 ? 8.330   -4.041  -16.053 1.00 0.00 ? 21 ILE A CA 1 
ATOM 19  C CA . TYR A 1 22 ? 10.253  -7.129  -17.145 1.00 0.00 ? 22 TYR A CA 1 
ATOM 20  C CA . GLU A 1 23 ? 7.421   -7.640  -19.624 1.00 0.00 ? 23 GLU A CA 1 
ATOM 21  C CA . LYS A 1 24 ? 6.610   -4.139  -20.839 1.00 0.00 ? 24 LYS A CA 1 
ATOM 22  C CA . LYS A 1 25 ? 10.317  -4.878  -21.219 1.00 0.00 ? 25 LYS A CA 1 
ATOM 23  C CA . LYS A 1 26 ? 12.409  -7.938  -22.055 1.00 0.00 ? 26 LYS A CA 1 
ATOM 24  C CA . ASN A 1 27 ? 12.171  -8.023  -25.840 1.00 0.00 ? 27 ASN A CA 1 
ATOM 25  C CA . GLU A 1 28 ? 12.664  -4.450  -27.008 1.00 0.00 ? 28 GLU A CA 1 
ATOM 26  C CA . LEU A 1 29 ? 15.779  -4.641  -24.855 1.00 0.00 ? 29 LEU A CA 1 
ATOM 27  C CA . GLY A 1 30 ? 16.640  -8.327  -24.518 1.00 0.00 ? 30 GLY A CA 1 
ATOM 28  C CA . LEU A 1 31 ? 16.867  -9.596  -20.945 1.00 0.00 ? 31 LEU A CA 1 
ATOM 29  C CA . SER A 1 32 ? 15.143  -12.721 -19.661 1.00 0.00 ? 32 SER A CA 1 
ATOM 30  C CA . GLN A 1 33 ? 16.724  -13.999 -16.458 1.00 0.00 ? 33 GLN A CA 1 
ATOM 31  C CA . GLU A 1 34 ? 19.854  -15.080 -17.974 1.00 0.00 ? 34 GLU A CA 1 
ATOM 32  C CA . SER A 1 35 ? 20.994  -11.930 -19.771 1.00 0.00 ? 35 SER A CA 1 
ATOM 33  C CA . VAL A 1 36 ? 20.551  -10.036 -16.507 1.00 0.00 ? 36 VAL A CA 1 
ATOM 34  C CA . ALA A 1 37 ? 22.608  -12.464 -14.432 1.00 0.00 ? 37 ALA A CA 1 
ATOM 35  C CA . ASP A 1 38 ? 25.759  -12.330 -16.554 1.00 0.00 ? 38 ASP A CA 1 
ATOM 36  C CA . LYS A 1 39 ? 24.171  -9.018  -15.943 1.00 0.00 ? 39 LYS A CA 1 
ATOM 37  C CA . MET A 1 40 ? 24.132  -8.877  -12.187 1.00 0.00 ? 40 MET A CA 1 
ATOM 38  C CA . GLY A 1 41 ? 26.861  -11.475 -12.112 1.00 0.00 ? 41 GLY A CA 1 
ATOM 39  C CA . MET A 1 42 ? 25.000  -13.675 -9.641  1.00 0.00 ? 42 MET A CA 1 
ATOM 40  C CA . GLY A 1 43 ? 22.674  -16.508 -10.639 1.00 0.00 ? 43 GLY A CA 1 
ATOM 41  C CA . GLN A 1 44 ? 19.942  -18.339 -12.439 1.00 0.00 ? 44 GLN A CA 1 
ATOM 42  C CA . SER A 1 45 ? 18.381  -18.554 -8.989  1.00 0.00 ? 45 SER A CA 1 
ATOM 43  C CA . GLY A 1 46 ? 18.685  -15.097 -7.459  1.00 0.00 ? 46 GLY A CA 1 
ATOM 44  C CA . VAL A 1 47 ? 17.008  -12.775 -9.974  1.00 0.00 ? 47 VAL A CA 1 
ATOM 45  C CA . GLY A 1 48 ? 13.869  -14.861 -10.460 1.00 0.00 ? 48 GLY A CA 1 
ATOM 46  C CA . ALA A 1 49 ? 13.118  -14.695 -6.738  1.00 0.00 ? 49 ALA A CA 1 
ATOM 47  C CA . LEU A 1 50 ? 13.596  -10.926 -6.718  1.00 0.00 ? 50 LEU A CA 1 
ATOM 48  C CA . PHE A 1 51 ? 11.131  -10.715 -9.600  1.00 0.00 ? 51 PHE A CA 1 
ATOM 49  C CA . ASN A 1 52 ? 8.995   -13.518 -8.185  1.00 0.00 ? 52 ASN A CA 1 
ATOM 50  C CA . GLY A 1 53 ? 9.093   -12.207 -4.628  1.00 0.00 ? 53 GLY A CA 1 
ATOM 51  C CA . ILE A 1 54 ? 10.722  -14.744 -2.318  1.00 0.00 ? 54 ILE A CA 1 
ATOM 52  C CA . ASN A 1 55 ? 13.780  -12.537 -1.862  1.00 0.00 ? 55 ASN A CA 1 
ATOM 53  C CA . ALA A 1 56 ? 13.949  -8.834  -1.030  1.00 0.00 ? 56 ALA A CA 1 
ATOM 54  C CA . LEU A 1 57 ? 14.570  -6.282  -3.774  1.00 0.00 ? 57 LEU A CA 1 
ATOM 55  C CA . ASN A 1 58 ? 16.978  -4.936  -1.195  1.00 0.00 ? 58 ASN A CA 1 
ATOM 56  C CA . ALA A 1 59 ? 18.987  -1.853  -2.123  1.00 0.00 ? 59 ALA A CA 1 
ATOM 57  C CA . TYR A 1 60 ? 22.320  -2.087  -3.851  1.00 0.00 ? 60 TYR A CA 1 
ATOM 58  C CA . ASN A 1 61 ? 20.104  -3.789  -6.387  1.00 0.00 ? 61 ASN A CA 1 
ATOM 59  C CA . ALA A 1 62 ? 17.153  -1.625  -7.295  1.00 0.00 ? 62 ALA A CA 1 
ATOM 60  C CA . ALA A 1 63 ? 20.038  0.348   -9.260  1.00 0.00 ? 63 ALA A CA 1 
ATOM 61  C CA . LEU A 1 64 ? 21.467  -2.642  -11.110 1.00 0.00 ? 64 LEU A CA 1 
ATOM 62  C CA . LEU A 1 65 ? 17.824  -3.173  -12.428 1.00 0.00 ? 65 LEU A CA 1 
ATOM 63  C CA . ALA A 1 66 ? 16.550  0.312   -13.233 1.00 0.00 ? 66 ALA A CA 1 
ATOM 64  C CA . LYS A 1 67 ? 19.835  0.877   -15.046 1.00 0.00 ? 67 LYS A CA 1 
ATOM 65  C CA . ILE A 1 68 ? 19.653  -2.576  -16.610 1.00 0.00 ? 68 ILE A CA 1 
ATOM 66  C CA . LEU A 1 69 ? 16.043  -2.676  -17.674 1.00 0.00 ? 69 LEU A CA 1 
ATOM 67  C CA . LYS A 1 70 ? 16.210  1.079   -18.183 1.00 0.00 ? 70 LYS A CA 1 
ATOM 68  C CA . VAL A 1 71 ? 14.022  2.522   -15.450 1.00 0.00 ? 71 VAL A CA 1 
ATOM 69  C CA . SER A 1 72 ? 13.550  4.549   -12.295 1.00 0.00 ? 72 SER A CA 1 
ATOM 70  C CA . VAL A 1 73 ? 14.232  2.796   -9.001  1.00 0.00 ? 73 VAL A CA 1 
ATOM 71  C CA . GLU A 1 74 ? 11.144  4.899   -8.312  1.00 0.00 ? 74 GLU A CA 1 
ATOM 72  C CA . GLU A 1 75 ? 8.822   3.014   -10.654 1.00 0.00 ? 75 GLU A CA 1 
ATOM 73  C CA . PHE A 1 76 ? 8.603   -0.115  -8.514  1.00 0.00 ? 76 PHE A CA 1 
ATOM 74  C CA . SER A 1 77 ? 10.132  0.961   -4.889  1.00 0.00 ? 77 SER A CA 1 
ATOM 75  C CA . PRO A 1 78 ? 9.496   4.150   -2.938  1.00 0.00 ? 78 PRO A CA 1 
ATOM 76  C CA . SER A 1 79 ? 11.604  2.658   -0.161  1.00 0.00 ? 79 SER A CA 1 
ATOM 77  C CA . ILE A 1 80 ? 14.570  0.889   -1.736  1.00 0.00 ? 80 ILE A CA 1 
ATOM 78  C CA . ALA A 1 81 ? 14.456  4.712   -4.068  1.00 0.00 ? 81 ALA A CA 1 
ATOM 79  C CA . ARG A 1 82 ? 14.186  7.065   -1.113  1.00 0.00 ? 82 ARG A CA 1 
ATOM 80  C CA . GLU A 1 83 ? 16.959  5.338   0.829   1.00 0.00 ? 83 GLU A CA 1 
ATOM 81  C CA . ILE A 1 84 ? 19.415  5.989   -1.998  1.00 0.00 ? 84 ILE A CA 1 
ATOM 82  C CA . TYR A 1 85 ? 18.412  9.653   -2.096  1.00 0.00 ? 85 TYR A CA 1 
ATOM 83  C CA . GLU A 1 86 ? 18.877  9.934   1.666   1.00 0.00 ? 86 GLU A CA 1 
ATOM 84  C CA . MET A 1 87 ? 22.313  8.330   1.411   1.00 0.00 ? 87 MET A CA 1 
ATOM 85  C CA . TYR A 1 88 ? 23.291  10.736  -1.363  1.00 0.00 ? 88 TYR A CA 1 
ATOM 86  C CA . GLU A 1 89 ? 22.117  13.692  0.717   1.00 0.00 ? 89 GLU A CA 1 
ATOM 87  C CA . ALA A 1 90 ? 24.118  12.454  3.700   1.00 0.00 ? 90 ALA A CA 1 
ATOM 88  C CA . VAL A 1 91 ? 27.211  12.064  1.528   1.00 0.00 ? 91 VAL A CA 1 
ATOM 89  C CA . SER A 1 92 ? 26.768  15.586  0.170   1.00 0.00 ? 92 SER A CA 1 
ATOM 90  C CA . LYS B 1 4  ? -13.185 7.308   16.384  1.00 0.00 ? 4  LYS B CA 1 
ATOM 91  C CA . LYS B 1 5  ? -9.702  7.610   14.909  1.00 0.00 ? 5  LYS B CA 1 
ATOM 92  C CA . PRO B 1 6  ? -9.917  5.877   11.542  1.00 0.00 ? 6  PRO B CA 1 
ATOM 93  C CA . LEU B 1 7  ? -8.524  2.691   10.015  1.00 0.00 ? 7  LEU B CA 1 
ATOM 94  C CA . THR B 1 8  ? -5.248  2.794   8.103   1.00 0.00 ? 8  THR B CA 1 
ATOM 95  C CA . GLN B 1 9  ? -4.657  1.932   4.450   1.00 0.00 ? 9  GLN B CA 1 
ATOM 96  C CA . GLU B 1 10 ? -3.293  -1.549  5.122   1.00 0.00 ? 10 GLU B CA 1 
ATOM 97  C CA . GLN B 1 11 ? -5.519  -2.938  7.865   1.00 0.00 ? 11 GLN B CA 1 
ATOM 98  C CA . LEU B 1 12 ? -8.375  -2.026  5.536   1.00 0.00 ? 12 LEU B CA 1 
ATOM 99  C CA . GLU B 1 13 ? -6.419  -3.757  2.763   1.00 0.00 ? 13 GLU B CA 1 
ATOM 100 C CA . ASP B 1 14 ? -5.815  -6.789  4.974   1.00 0.00 ? 14 ASP B CA 1 
ATOM 101 C CA . ALA B 1 15 ? -9.509  -6.860  5.853   1.00 0.00 ? 15 ALA B CA 1 
ATOM 102 C CA . ARG B 1 16 ? -10.783 -6.495  2.293   1.00 0.00 ? 16 ARG B CA 1 
ATOM 103 C CA . ARG B 1 17 ? -8.687  -9.620  1.766   1.00 0.00 ? 17 ARG B CA 1 
ATOM 104 C CA . LEU B 1 18 ? -10.441 -11.843 4.282   1.00 0.00 ? 18 LEU B CA 1 
ATOM 105 C CA . LYS B 1 19 ? -13.841 -11.274 2.682   1.00 0.00 ? 19 LYS B CA 1 
ATOM 106 C CA . ALA B 1 20 ? -12.077 -12.460 -0.386  1.00 0.00 ? 20 ALA B CA 1 
ATOM 107 C CA . ILE B 1 21 ? -10.333 -15.324 1.400   1.00 0.00 ? 21 ILE B CA 1 
ATOM 108 C CA . TYR B 1 22 ? -13.687 -15.915 3.085   1.00 0.00 ? 22 TYR B CA 1 
ATOM 109 C CA . GLU B 1 23 ? -14.993 -16.547 -0.425  1.00 0.00 ? 23 GLU B CA 1 
ATOM 110 C CA . LYS B 1 24 ? -12.207 -18.488 -2.116  1.00 0.00 ? 24 LYS B CA 1 
ATOM 111 C CA . LYS B 1 25 ? -13.202 -20.127 1.164   1.00 0.00 ? 25 LYS B CA 1 
ATOM 112 C CA . LYS B 1 26 ? -16.438 -20.590 3.103   1.00 0.00 ? 26 LYS B CA 1 
ATOM 113 C CA . ASN B 1 27 ? -17.975 -23.574 1.337   1.00 0.00 ? 27 ASN B CA 1 
ATOM 114 C CA . GLU B 1 28 ? -15.163 -26.065 0.830   1.00 0.00 ? 28 GLU B CA 1 
ATOM 115 C CA . LEU B 1 29 ? -14.643 -25.563 4.553   1.00 0.00 ? 29 LEU B CA 1 
ATOM 116 C CA . GLY B 1 30 ? -17.944 -24.299 5.950   1.00 0.00 ? 30 GLY B CA 1 
ATOM 117 C CA . LEU B 1 31 ? -17.734 -20.987 7.798   1.00 0.00 ? 31 LEU B CA 1 
ATOM 118 C CA . SER B 1 32 ? -20.034 -18.037 7.182   1.00 0.00 ? 32 SER B CA 1 
ATOM 119 C CA . GLN B 1 33 ? -20.035 -15.609 10.099  1.00 0.00 ? 33 GLN B CA 1 
ATOM 120 C CA . GLU B 1 34 ? -21.761 -17.809 12.435  1.00 0.00 ? 34 GLU B CA 1 
ATOM 121 C CA . SER B 1 35 ? -19.612 -20.940 12.308  1.00 0.00 ? 35 SER B CA 1 
ATOM 122 C CA . VAL B 1 36 ? -16.580 -18.758 13.010  1.00 0.00 ? 36 VAL B CA 1 
ATOM 123 C CA . ALA B 1 37 ? -18.101 -17.043 16.040  1.00 0.00 ? 37 ALA B CA 1 
ATOM 124 C CA . ASP B 1 38 ? -18.947 -20.198 17.985  1.00 0.00 ? 38 ASP B CA 1 
ATOM 125 C CA . LYS B 1 39 ? -15.588 -20.229 16.373  1.00 0.00 ? 39 LYS B CA 1 
ATOM 126 C CA . MET B 1 40 ? -13.998 -17.171 17.873  1.00 0.00 ? 40 MET B CA 1 
ATOM 127 C CA . GLY B 1 41 ? -16.483 -17.329 20.703  1.00 0.00 ? 41 GLY B CA 1 
ATOM 128 C CA . MET B 1 42 ? -17.462 -13.683 20.334  1.00 0.00 ? 42 MET B CA 1 
ATOM 129 C CA . GLY B 1 43 ? -20.353 -12.458 18.195  1.00 0.00 ? 43 GLY B CA 1 
ATOM 130 C CA . GLN B 1 44 ? -22.614 -12.089 15.230  1.00 0.00 ? 44 GLN B CA 1 
ATOM 131 C CA . SER B 1 45 ? -21.400 -8.495  15.276  1.00 0.00 ? 45 SER B CA 1 
ATOM 132 C CA . GLY B 1 46 ? -17.638 -8.639  15.731  1.00 0.00 ? 46 GLY B CA 1 
ATOM 133 C CA . VAL B 1 47 ? -16.403 -10.842 12.875  1.00 0.00 ? 47 VAL B CA 1 
ATOM 134 C CA . GLY B 1 48 ? -18.370 -9.122  10.117  1.00 0.00 ? 48 GLY B CA 1 
ATOM 135 C CA . ALA B 1 49 ? -16.737 -5.793  10.959  1.00 0.00 ? 49 ALA B CA 1 
ATOM 136 C CA . LEU B 1 50 ? -13.282 -7.370  10.905  1.00 0.00 ? 50 LEU B CA 1 
ATOM 137 C CA . PHE B 1 51 ? -14.095 -8.760  7.464   1.00 0.00 ? 51 PHE B CA 1 
ATOM 138 C CA . ASN B 1 52 ? -16.030 -5.641  6.490   1.00 0.00 ? 52 ASN B CA 1 
ATOM 139 C CA . GLY B 1 53 ? -13.445 -3.235  7.878   1.00 0.00 ? 53 GLY B CA 1 
ATOM 140 C CA . ILE B 1 54 ? -14.957 -1.101  10.633  1.00 0.00 ? 54 ILE B CA 1 
ATOM 141 C CA . ASN B 1 55 ? -12.886 -2.856  13.289  1.00 0.00 ? 55 ASN B CA 1 
ATOM 142 C CA . ALA B 1 56 ? -9.162  -3.608  13.301  1.00 0.00 ? 56 ALA B CA 1 
ATOM 143 C CA . LEU B 1 57 ? -7.907  -7.075  12.393  1.00 0.00 ? 57 LEU B CA 1 
ATOM 144 C CA . ASN B 1 58 ? -5.776  -6.486  15.455  1.00 0.00 ? 58 ASN B CA 1 
ATOM 145 C CA . ALA B 1 59 ? -3.390  -9.251  16.478  1.00 0.00 ? 59 ALA B CA 1 
ATOM 146 C CA . TYR B 1 60 ? -4.427  -12.024 18.799  1.00 0.00 ? 60 TYR B CA 1 
ATOM 147 C CA . ASN B 1 61 ? -6.879  -12.531 15.974  1.00 0.00 ? 61 ASN B CA 1 
ATOM 148 C CA . ALA B 1 62 ? -5.106  -12.804 12.658  1.00 0.00 ? 62 ALA B CA 1 
ATOM 149 C CA . ALA B 1 63 ? -4.184  -16.392 14.186  1.00 0.00 ? 63 ALA B CA 1 
ATOM 150 C CA . LEU B 1 64 ? -7.719  -17.430 15.101  1.00 0.00 ? 64 LEU B CA 1 
ATOM 151 C CA . LEU B 1 65 ? -8.554  -16.749 11.342  1.00 0.00 ? 65 LEU B CA 1 
ATOM 152 C CA . ALA B 1 66 ? -5.603  -18.149 9.405   1.00 0.00 ? 66 ALA B CA 1 
ATOM 153 C CA . LYS B 1 67 ? -5.937  -21.265 11.542  1.00 0.00 ? 67 LYS B CA 1 
ATOM 154 C CA . ILE B 1 68 ? -9.713  -21.203 11.183  1.00 0.00 ? 68 ILE B CA 1 
ATOM 155 C CA . LEU B 1 69 ? -10.056 -20.487 7.503   1.00 0.00 ? 69 LEU B CA 1 
ATOM 156 C CA . LYS B 1 70 ? -6.806  -22.359 6.953   1.00 0.00 ? 70 LYS B CA 1 
ATOM 157 C CA . VAL B 1 71 ? -4.317  -19.698 5.921   1.00 0.00 ? 71 VAL B CA 1 
ATOM 158 C CA . SER B 1 72 ? -1.205  -17.642 6.535   1.00 0.00 ? 72 SER B CA 1 
ATOM 159 C CA . VAL B 1 73 ? -1.569  -14.578 8.741   1.00 0.00 ? 73 VAL B CA 1 
ATOM 160 C CA . GLU B 1 74 ? 0.776   -13.453 5.968   1.00 0.00 ? 74 GLU B CA 1 
ATOM 161 C CA . GLU B 1 75 ? -1.766  -13.687 3.154   1.00 0.00 ? 75 GLU B CA 1 
ATOM 162 C CA . PHE B 1 76 ? -3.804  -10.678 4.249   1.00 0.00 ? 76 PHE B CA 1 
ATOM 163 C CA . SER B 1 77 ? -1.474  -8.748  6.987   1.00 0.00 ? 77 SER B CA 1 
ATOM 164 C CA . PRO B 1 78 ? 2.248   -8.040  6.802   1.00 0.00 ? 78 PRO B CA 1 
ATOM 165 C CA . SER B 1 79 ? 1.858   -6.112  10.045  1.00 0.00 ? 79 SER B CA 1 
ATOM 166 C CA . ILE B 1 80 ? -0.515  -8.038  12.299  1.00 0.00 ? 80 ILE B CA 1 
ATOM 167 C CA . ALA B 1 81 ? 2.102   -11.318 10.733  1.00 0.00 ? 81 ALA B CA 1 
ATOM 168 C CA . ARG B 1 82 ? 5.429   -9.633  11.403  1.00 0.00 ? 82 ARG B CA 1 
ATOM 169 C CA . GLU B 1 83 ? 4.468   -8.593  14.930  1.00 0.00 ? 83 GLU B CA 1 
ATOM 170 C CA . ILE B 1 84 ? 3.859   -12.219 15.890  1.00 0.00 ? 84 ILE B CA 1 
ATOM 171 C CA . TYR B 1 85 ? 7.238   -13.217 14.468  1.00 0.00 ? 85 TYR B CA 1 
ATOM 172 C CA . GLU B 1 86 ? 8.937   -10.423 16.406  1.00 0.00 ? 86 GLU B CA 1 
ATOM 173 C CA . MET B 1 87 ? 7.206   -11.523 19.607  1.00 0.00 ? 87 MET B CA 1 
ATOM 174 C CA . TYR B 1 88 ? 8.298   -15.116 19.025  1.00 0.00 ? 88 TYR B CA 1 
ATOM 175 C CA . GLU B 1 89 ? 11.881  -13.985 18.442  1.00 0.00 ? 89 GLU B CA 1 
ATOM 176 C CA . ALA B 1 90 ? 11.810  -11.934 21.641  1.00 0.00 ? 90 ALA B CA 1 
ATOM 177 C CA . VAL B 1 91 ? 10.467  -14.914 23.582  1.00 0.00 ? 91 VAL B CA 1 
ATOM 178 C CA . SER B 1 92 ? 13.201  -17.136 22.160  1.00 0.00 ? 92 SER B CA 1 
ATOM 179 C CA . LYS C 1 4  ? 13.686  16.485  -6.069  1.00 0.00 ? 4  LYS C CA 1 
ATOM 180 C CA . LYS C 1 5  ? 13.235  13.659  -3.580  1.00 0.00 ? 5  LYS C CA 1 
ATOM 181 C CA . PRO C 1 6  ? 10.341  11.615  -4.939  1.00 0.00 ? 6  PRO C CA 1 
ATOM 182 C CA . LEU C 1 7  ? 6.751   10.930  -3.897  1.00 0.00 ? 7  LEU C CA 1 
ATOM 183 C CA . THR C 1 8  ? 5.956   7.905   -1.746  1.00 0.00 ? 8  THR C CA 1 
ATOM 184 C CA . GLN C 1 9  ? 3.718   4.960   -2.611  1.00 0.00 ? 9  GLN C CA 1 
ATOM 185 C CA . GLU C 1 10 ? 0.714   6.207   -0.649  1.00 0.00 ? 10 GLU C CA 1 
ATOM 186 C CA . GLN C 1 11 ? 0.601   9.937   -1.339  1.00 0.00 ? 11 GLN C CA 1 
ATOM 187 C CA . LEU C 1 12 ? 0.663   8.913   -4.996  1.00 0.00 ? 12 LEU C CA 1 
ATOM 188 C CA . GLU C 1 13 ? -2.095  6.424   -4.153  1.00 0.00 ? 13 GLU C CA 1 
ATOM 189 C CA . ASP C 1 14 ? -4.053  9.100   -2.300  1.00 0.00 ? 14 ASP C CA 1 
ATOM 190 C CA . ALA C 1 15 ? -3.610  11.443  -5.256  1.00 0.00 ? 15 ALA C CA 1 
ATOM 191 C CA . ARG C 1 16 ? -4.601  8.926   -7.922  1.00 0.00 ? 16 ARG C CA 1 
ATOM 192 C CA . ARG C 1 17 ? -7.776  8.738   -5.843  1.00 0.00 ? 17 ARG C CA 1 
ATOM 193 C CA . LEU C 1 18 ? -8.766  12.386  -6.094  1.00 0.00 ? 18 LEU C CA 1 
ATOM 194 C CA . LYS C 1 19 ? -8.709  12.324  -9.892  1.00 0.00 ? 19 LYS C CA 1 
ATOM 195 C CA . ALA C 1 20 ? -11.073 9.475   -9.416  1.00 0.00 ? 20 ALA C CA 1 
ATOM 196 C CA . ILE C 1 21 ? -13.094 11.246  -6.733  1.00 0.00 ? 21 ILE C CA 1 
ATOM 197 C CA . TYR C 1 22 ? -12.832 14.299  -8.982  1.00 0.00 ? 22 TYR C CA 1 
ATOM 198 C CA . GLU C 1 23 ? -14.718 12.203  -11.527 1.00 0.00 ? 23 GLU C CA 1 
ATOM 199 C CA . LYS C 1 24 ? -17.288 10.325  -9.461  1.00 0.00 ? 24 LYS C CA 1 
ATOM 200 C CA . LYS C 1 25 ? -17.477 14.058  -8.787  1.00 0.00 ? 25 LYS C CA 1 
ATOM 201 C CA . LYS C 1 26 ? -17.004 17.221  -10.842 1.00 0.00 ? 26 LYS C CA 1 
ATOM 202 C CA . ASN C 1 27 ? -20.367 17.526  -12.569 1.00 0.00 ? 27 ASN C CA 1 
ATOM 203 C CA . GLU C 1 28 ? -22.984 16.814  -9.917  1.00 0.00 ? 28 GLU C CA 1 
ATOM 204 C CA . LEU C 1 29 ? -21.100 19.472  -7.975  1.00 0.00 ? 29 LEU C CA 1 
ATOM 205 C CA . GLY C 1 30 ? -19.244 21.579  -10.538 1.00 0.00 ? 30 GLY C CA 1 
ATOM 206 C CA . LEU C 1 31 ? -15.488 21.792  -10.018 1.00 0.00 ? 31 LEU C CA 1 
ATOM 207 C CA . SER C 1 32 ? -12.907 21.190  -12.731 1.00 0.00 ? 32 SER C CA 1 
ATOM 208 C CA . GLN C 1 33 ? -9.539  22.698  -11.846 1.00 0.00 ? 33 GLN C CA 1 
ATOM 209 C CA . GLU C 1 34 ? -10.579 26.177  -12.148 1.00 0.00 ? 34 GLU C CA 1 
ATOM 210 C CA . SER C 1 35 ? -13.608 26.297  -9.855  1.00 0.00 ? 35 SER C CA 1 
ATOM 211 C CA . VAL C 1 36 ? -11.463 24.766  -7.116  1.00 0.00 ? 36 VAL C CA 1 
ATOM 212 C CA . ALA C 1 37 ? -8.639  27.286  -7.459  1.00 0.00 ? 37 ALA C CA 1 
ATOM 213 C CA . ASP C 1 38 ? -10.749 30.413  -7.005  1.00 0.00 ? 38 ASP C CA 1 
ATOM 214 C CA . LYS C 1 39 ? -11.555 27.649  -4.641  1.00 0.00 ? 39 LYS C CA 1 
ATOM 215 C CA . MET C 1 40 ? -8.230  27.073  -2.986  1.00 0.00 ? 40 MET C CA 1 
ATOM 216 C CA . GLY C 1 41 ? -7.164  30.532  -4.035  1.00 0.00 ? 41 GLY C CA 1 
ATOM 217 C CA . MET C 1 42 ? -3.907  29.309  -5.549  1.00 0.00 ? 42 MET C CA 1 
ATOM 218 C CA . GLY C 1 43 ? -3.480  28.343  -9.197  1.00 0.00 ? 43 GLY C CA 1 
ATOM 219 C CA . GLN C 1 44 ? -4.190  26.739  -12.511 1.00 0.00 ? 44 GLN C CA 1 
ATOM 220 C CA . SER C 1 45 ? -0.920  24.932  -11.867 1.00 0.00 ? 45 SER C CA 1 
ATOM 221 C CA . GLY C 1 46 ? -1.045  23.738  -8.269  1.00 0.00 ? 46 GLY C CA 1 
ATOM 222 C CA . VAL C 1 47 ? -4.238  21.664  -8.046  1.00 0.00 ? 47 VAL C CA 1 
ATOM 223 C CA . GLY C 1 48 ? -3.636  19.607  -11.185 1.00 0.00 ? 48 GLY C CA 1 
ATOM 224 C CA . ALA C 1 49 ? -0.320  18.371  -9.800  1.00 0.00 ? 49 ALA C CA 1 
ATOM 225 C CA . LEU C 1 50 ? -1.948  17.418  -6.502  1.00 0.00 ? 50 LEU C CA 1 
ATOM 226 C CA . PHE C 1 51 ? -4.526  15.447  -8.476  1.00 0.00 ? 51 PHE C CA 1 
ATOM 227 C CA . ASN C 1 52 ? -1.947  14.330  -11.030 1.00 0.00 ? 52 ASN C CA 1 
ATOM 228 C CA . GLY C 1 53 ? 0.690   13.474  -8.440  1.00 0.00 ? 53 GLY C CA 1 
ATOM 229 C CA . ILE C 1 54 ? 3.792   15.608  -8.944  1.00 0.00 ? 54 ILE C CA 1 
ATOM 230 C CA . ASN C 1 55 ? 3.114   17.549  -5.750  1.00 0.00 ? 55 ASN C CA 1 
ATOM 231 C CA . ALA C 1 56 ? 2.260   16.230  -2.290  1.00 0.00 ? 56 ALA C CA 1 
ATOM 232 C CA . LEU C 1 57 ? -1.341  16.219  -1.080  1.00 0.00 ? 57 LEU C CA 1 
ATOM 233 C CA . ASN C 1 58 ? 0.295   17.603  2.029   1.00 0.00 ? 58 ASN C CA 1 
ATOM 234 C CA . ALA C 1 59 ? -1.961  18.434  4.963   1.00 0.00 ? 59 ALA C CA 1 
ATOM 235 C CA . TYR C 1 60 ? -3.565  21.815  5.350   1.00 0.00 ? 60 TYR C CA 1 
ATOM 236 C CA . ASN C 1 61 ? -5.018  20.732  2.039   1.00 0.00 ? 61 ASN C CA 1 
ATOM 237 C CA . ALA C 1 62 ? -6.637  17.339  2.302   1.00 0.00 ? 62 ALA C CA 1 
ATOM 238 C CA . ALA C 1 63 ? -9.388  19.521  4.234   1.00 0.00 ? 63 ALA C CA 1 
ATOM 239 C CA . LEU C 1 64 ? -9.829  22.179  1.562   1.00 0.00 ? 64 LEU C CA 1 
ATOM 240 C CA . LEU C 1 65 ? -10.625 19.193  -0.834  1.00 0.00 ? 65 LEU C CA 1 
ATOM 241 C CA . ALA C 1 66 ? -12.797 16.840  1.209   1.00 0.00 ? 66 ALA C CA 1 
ATOM 242 C CA . LYS C 1 67 ? -14.820 19.892  2.198   1.00 0.00 ? 67 LYS C CA 1 
ATOM 243 C CA . ILE C 1 68 ? -14.733 21.201  -1.362  1.00 0.00 ? 68 ILE C CA 1 
ATOM 244 C CA . LEU C 1 69 ? -15.488 18.055  -3.285  1.00 0.00 ? 69 LEU C CA 1 
ATOM 245 C CA . LYS C 1 70 ? -17.571 16.890  -0.339  1.00 0.00 ? 70 LYS C CA 1 
ATOM 246 C CA . VAL C 1 71 ? -15.634 13.987  1.130   1.00 0.00 ? 71 VAL C CA 1 
ATOM 247 C CA . SER C 1 72 ? -13.644 12.395  3.922   1.00 0.00 ? 72 SER C CA 1 
ATOM 248 C CA . VAL C 1 73 ? -9.950  13.240  4.104   1.00 0.00 ? 73 VAL C CA 1 
ATOM 249 C CA . GLU C 1 74 ? -10.099 9.533   4.923   1.00 0.00 ? 74 GLU C CA 1 
ATOM 250 C CA . GLU C 1 75 ? -11.293 8.395   1.501   1.00 0.00 ? 75 GLU C CA 1 
ATOM 251 C CA . PHE C 1 76 ? -8.004  9.069   -0.277  1.00 0.00 ? 76 PHE C CA 1 
ATOM 252 C CA . SER C 1 77 ? -5.269  9.608   2.702   1.00 0.00 ? 77 SER C CA 1 
ATOM 253 C CA . PRO C 1 78 ? -4.859  7.593   5.889   1.00 0.00 ? 78 PRO C CA 1 
ATOM 254 C CA . SER C 1 79 ? -1.807  9.720   6.625   1.00 0.00 ? 79 SER C CA 1 
ATOM 255 C CA . ILE C 1 80 ? -2.597  13.308  5.668   1.00 0.00 ? 80 ILE C CA 1 
ATOM 256 C CA . ALA C 1 81 ? -6.342  12.098  7.810   1.00 0.00 ? 81 ALA C CA 1 
ATOM 257 C CA . ARG C 1 82 ? -4.681  10.596  10.865  1.00 0.00 ? 82 ARG C CA 1 
ATOM 258 C CA . GLU C 1 83 ? -2.311  13.532  11.319  1.00 0.00 ? 83 GLU C CA 1 
ATOM 259 C CA . ILE C 1 84 ? -5.247  15.920  11.641  1.00 0.00 ? 84 ILE C CA 1 
ATOM 260 C CA . TYR C 1 85 ? -6.871  13.658  14.230  1.00 0.00 ? 85 TYR C CA 1 
ATOM 261 C CA . GLU C 1 86 ? -3.623  13.494  16.197  1.00 0.00 ? 86 GLU C CA 1 
ATOM 262 C CA . MET C 1 87 ? -3.314  17.281  16.103  1.00 0.00 ? 87 MET C CA 1 
ATOM 263 C CA . TYR C 1 88 ? -6.896  17.654  17.318  1.00 0.00 ? 88 TYR C CA 1 
ATOM 264 C CA . GLU C 1 89 ? -6.243  15.214  20.158  1.00 0.00 ? 89 GLU C CA 1 
ATOM 265 C CA . ALA C 1 90 ? -3.110  17.123  21.147  1.00 0.00 ? 90 ALA C CA 1 
ATOM 266 C CA . VAL C 1 91 ? -5.038  20.398  21.129  1.00 0.00 ? 91 VAL C CA 1 
ATOM 267 C CA . SER C 1 92 ? -7.760  18.867  23.296  1.00 0.00 ? 92 SER C CA 1 
# 
loop_
_pdbx_poly_seq_scheme.asym_id 
_pdbx_poly_seq_scheme.entity_id 
_pdbx_poly_seq_scheme.seq_id 
_pdbx_poly_seq_scheme.mon_id 
_pdbx_poly_seq_scheme.ndb_seq_num 
_pdbx_poly_seq_scheme.pdb_seq_num 
_pdbx_poly_seq_scheme.auth_seq_num 
_pdbx_poly_seq_scheme.pdb_mon_id 
_pdbx_poly_seq_scheme.auth_mon_id 
_pdbx_poly_seq_scheme.pdb_strand_id 
_pdbx_poly_seq_scheme.pdb_ins_code 
_pdbx_poly_seq_scheme.hetero 
A 1 1  SER 1  1  ?  ?   ?   A . n 
A 1 2  THR 2  2  ?  ?   ?   A . n 
A 1 3  LYS 3  3  ?  ?   ?   A . n 
A 1 4  LYS 4  4  4  LYS LYS A . n 
A 1 5  LYS 5  5  5  LYS LYS A . n 
A 1 6  PRO 6  6  6  PRO PRO A . n 
A 1 7  LEU 7  7  7  LEU LEU A . n 
A 1 8  THR 8  8  8  THR THR A . n 
A 1 9  GLN 9  9  9  GLN GLN A . n 
A 1 10 GLU 10 10 10 GLU GLU A . n 
A 1 11 GLN 11 11 11 GLN GLN A . n 
A 1 12 LEU 12 12 12 LEU LEU A . n 
A 1 13 GLU 13 13 13 GLU GLU A . n 
A 1 14 ASP 14 14 14 ASP ASP A . n 
A 1 15 ALA 15 15 15 ALA ALA A . n 
A 1 16 ARG 16 16 16 ARG ARG A . n 
A 1 17 ARG 17 17 17 ARG ARG A . n 
A 1 18 LEU 18 18 18 LEU LEU A . n 
A 1 19 LYS 19 19 19 LYS LYS A . n 
A 1 20 ALA 20 20 20 ALA ALA A . n 
A 1 21 ILE 21 21 21 ILE ILE A . n 
A 1 22 TYR 22 22 22 TYR TYR A . n 
A 1 23 GLU 23 23 23 GLU GLU A . n 
A 1 24 LYS 24 24 24 LYS LYS A . n 
A 1 25 LYS 25 25 25 LYS LYS A . n 
A 1 26 LYS 26 26 26 LYS LYS A . n 
A 1 27 ASN 27 27 27 ASN ASN A . n 
A 1 28 GLU 28 28 28 GLU GLU A . n 
A 1 29 LEU 29 29 29 LEU LEU A . n 
A 1 30 GLY 30 30 30 GLY GLY A . n 
A 1 31 LEU 31 31 31 LEU LEU A . n 
A 1 32 SER 32 32 32 SER SER A . n 
A 1 33 GLN 33 33 33 GLN GLN A . n 
A 1 34 GLU 34 34 34 GLU GLU A . n 
A 1 35 SER 35 35 35 SER SER A . n 
A 1 36 VAL 36 36 36 VAL VAL A . n 
A 1 37 ALA 37 37 37 ALA ALA A . n 
A 1 38 ASP 38 38 38 ASP ASP A . n 
A 1 39 LYS 39 39 39 LYS LYS A . n 
A 1 40 MET 40 40 40 MET MET A . n 
A 1 41 GLY 41 41 41 GLY GLY A . n 
A 1 42 MET 42 42 42 MET MET A . n 
A 1 43 GLY 43 43 43 GLY GLY A . n 
A 1 44 GLN 44 44 44 GLN GLN A . n 
A 1 45 SER 45 45 45 SER SER A . n 
A 1 46 GLY 46 46 46 GLY GLY A . n 
A 1 47 VAL 47 47 47 VAL VAL A . n 
A 1 48 GLY 48 48 48 GLY GLY A . n 
A 1 49 ALA 49 49 49 ALA ALA A . n 
A 1 50 LEU 50 50 50 LEU LEU A . n 
A 1 51 PHE 51 51 51 PHE PHE A . n 
A 1 52 ASN 52 52 52 ASN ASN A . n 
A 1 53 GLY 53 53 53 GLY GLY A . n 
A 1 54 ILE 54 54 54 ILE ILE A . n 
A 1 55 ASN 55 55 55 ASN ASN A . n 
A 1 56 ALA 56 56 56 ALA ALA A . n 
A 1 57 LEU 57 57 57 LEU LEU A . n 
A 1 58 ASN 58 58 58 ASN ASN A . n 
A 1 59 ALA 59 59 59 ALA ALA A . n 
A 1 60 TYR 60 60 60 TYR TYR A . n 
A 1 61 ASN 61 61 61 ASN ASN A . n 
A 1 62 ALA 62 62 62 ALA ALA A . n 
A 1 63 ALA 63 63 63 ALA ALA A . n 
A 1 64 LEU 64 64 64 LEU LEU A . n 
A 1 65 LEU 65 65 65 LEU LEU A . n 
A 1 66 ALA 66 66 66 ALA ALA A . n 
A 1 67 LYS 67 67 67 LYS LYS A . n 
A 1 68 ILE 68 68 68 ILE ILE A . n 
A 1 69 LEU 69 69 69 LEU LEU A . n 
A 1 70 LYS 70 70 70 LYS LYS A . n 
A 1 71 VAL 71 71 71 VAL VAL A . n 
A 1 72 SER 72 72 72 SER SER A . n 
A 1 73 VAL 73 73 73 VAL VAL A . n 
A 1 74 GLU 74 74 74 GLU GLU A . n 
A 1 75 GLU 75 75 75 GLU GLU A . n 
A 1 76 PHE 76 76 76 PHE PHE A . n 
A 1 77 SER 77 77 77 SER SER A . n 
A 1 78 PRO 78 78 78 PRO PRO A . n 
A 1 79 SER 79 79 79 SER SER A . n 
A 1 80 ILE 80 80 80 ILE ILE A . n 
A 1 81 ALA 81 81 81 ALA ALA A . n 
A 1 82 ARG 82 82 82 ARG ARG A . n 
A 1 83 GLU 83 83 83 GLU GLU A . n 
A 1 84 ILE 84 84 84 ILE ILE A . n 
A 1 85 TYR 85 85 85 TYR TYR A . n 
A 1 86 GLU 86 86 86 GLU GLU A . n 
A 1 87 MET 87 87 87 MET MET A . n 
A 1 88 TYR 88 88 88 TYR TYR A . n 
A 1 89 GLU 89 89 89 GLU GLU A . n 
A 1 90 ALA 90 90 90 ALA ALA A . n 
A 1 91 VAL 91 91 91 VAL VAL A . n 
A 1 92 SER 92 92 92 SER SER A . n 
B 1 1  SER 1  1  ?  ?   ?   B . n 
B 1 2  THR 2  2  ?  ?   ?   B . n 
B 1 3  LYS 3  3  ?  ?   ?   B . n 
B 1 4  LYS 4  4  4  LYS LYS B . n 
B 1 5  LYS 5  5  5  LYS LYS B . n 
B 1 6  PRO 6  6  6  PRO PRO B . n 
B 1 7  LEU 7  7  7  LEU LEU B . n 
B 1 8  THR 8  8  8  THR THR B . n 
B 1 9  GLN 9  9  9  GLN GLN B . n 
B 1 10 GLU 10 10 10 GLU GLU B . n 
B 1 11 GLN 11 11 11 GLN GLN B . n 
B 1 12 LEU 12 12 12 LEU LEU B . n 
B 1 13 GLU 13 13 13 GLU GLU B . n 
B 1 14 ASP 14 14 14 ASP ASP B . n 
B 1 15 ALA 15 15 15 ALA ALA B . n 
B 1 16 ARG 16 16 16 ARG ARG B . n 
B 1 17 ARG 17 17 17 ARG ARG B . n 
B 1 18 LEU 18 18 18 LEU LEU B . n 
B 1 19 LYS 19 19 19 LYS LYS B . n 
B 1 20 ALA 20 20 20 ALA ALA B . n 
B 1 21 ILE 21 21 21 ILE ILE B . n 
B 1 22 TYR 22 22 22 TYR TYR B . n 
B 1 23 GLU 23 23 23 GLU GLU B . n 
B 1 24 LYS 24 24 24 LYS LYS B . n 
B 1 25 LYS 25 25 25 LYS LYS B . n 
B 1 26 LYS 26 26 26 LYS LYS B . n 
B 1 27 ASN 27 27 27 ASN ASN B . n 
B 1 28 GLU 28 28 28 GLU GLU B . n 
B 1 29 LEU 29 29 29 LEU LEU B . n 
B 1 30 GLY 30 30 30 GLY GLY B . n 
B 1 31 LEU 31 31 31 LEU LEU B . n 
B 1 32 SER 32 32 32 SER SER B . n 
B 1 33 GLN 33 33 33 GLN GLN B . n 
B 1 34 GLU 34 34 34 GLU GLU B . n 
B 1 35 SER 35 35 35 SER SER B . n 
B 1 36 VAL 36 36 36 VAL VAL B . n 
B 1 37 ALA 37 37 37 ALA ALA B . n 
B 1 38 ASP 38 38 38 ASP ASP B . n 
B 1 39 LYS 39 39 39 LYS LYS B . n 
B 1 40 MET 40 40 40 MET MET B . n 
B 1 41 GLY 41 41 41 GLY GLY B . n 
B 1 42 MET 42 42 42 MET MET B . n 
B 1 43 GLY 43 43 43 GLY GLY B . n 
B 1 44 GLN 44 44 44 GLN GLN B . n 
B 1 45 SER 45 45 45 SER SER B . n 
B 1 46 GLY 46 46 46 GLY GLY B . n 
B 1 47 VAL 47 47 47 VAL VAL B . n 
B 1 48 GLY 48 48 48 GLY GLY B . n 
B 1 49 ALA 49 49 49 ALA ALA B . n 
B 1 50 LEU 50 50 50 LEU LEU B . n 
B 1 51 PHE 51 51 51 PHE PHE B . n 
B 1 52 ASN 52 52 52 ASN ASN B . n 
B 1 53 GLY 53 53 53 GLY GLY B . n 
B 1 54 ILE 54 54 54 ILE ILE B . n 
B 1 55 ASN 55 55 55 ASN ASN B . n 
B 1 56 ALA 56 56 56 ALA ALA B . n 
B 1 57 LEU 57 57 57 LEU LEU B . n 
B 1 58 ASN 58 58 58 ASN ASN B . n 
B 1 59 ALA 59 59 59 ALA ALA B . n 
B 1 60 TYR 60 60 60 TYR TYR B . n 
B 1 61 ASN 61 61 61 ASN ASN B . n 
B 1 62 ALA 62 62 62 ALA ALA B . n 
B 1 63 ALA 63 63 63 ALA ALA B . n 
B 1 64 LEU 64 64 64 LEU LEU B . n 
B 1 65 LEU 65 65 65 LEU LEU B . n 
B 1 66 ALA 66 66 66 ALA ALA B . n 
B 1 67 LYS 67 67 67 LYS LYS B . n 
B 1 68 ILE 68 68 68 ILE ILE B . n 
B 1 69 LEU 69 69 69 LEU LEU B . n 
B 1 70 LYS 70 70 70 LYS LYS B . n 
B 1 71 VAL 71 71 71 VAL VAL B . n 
B 1 72 SER 72 72 72 SER SER B . n 
B 1 73 VAL 73 73 73 VAL VAL B . n 
B 1 74 GLU 74 74 74 GLU GLU B . n 
B 1 75 GLU 75 75 75 GLU GLU B . n 
B 1 76 PHE 76 76 76 PHE PHE B . n 
B 1 77 SER 77 77 77 SER SER B . n 
B 1 78 PRO 78 78 78 PRO PRO B . n 
B 1 79 SER 79 79 79 SER SER B . n 
B 1 80 ILE 80 80 80 ILE ILE B . n 
B 1 81 ALA 81 81 81 ALA ALA B . n 
B 1 82 ARG 82 82 82 ARG ARG B . n 
B 1 83 GLU 83 83 83 GLU GLU B . n 
B 1 84 ILE 84 84 84 ILE ILE B . n 
B 1 85 TYR 85 85 85 TYR TYR B . n 
B 1 86 GLU 86 86 86 GLU GLU B . n 
B 1 87 MET 87 87 87 MET MET B . n 
B 1 88 TYR 88 88 88 TYR TYR B . n 
B 1 89 GLU 89 89 89 GLU GLU B . n 
B 1 90 ALA 90 90 90 ALA ALA B . n 
B 1 91 VAL 91 91 91 VAL VAL B . n 
B 1 92 SER 92 92 92 SER SER B . n 
C 1 1  SER 1  1  ?  ?   ?   C . n 
C 1 2  THR 2  2  ?  ?   ?   C . n 
C 1 3  LYS 3  3  ?  ?   ?   C . n 
C 1 4  LYS 4  4  4  LYS LYS C . n 
C 1 5  LYS 5  5  5  LYS LYS C . n 
C 1 6  PRO 6  6  6  PRO PRO C . n 
C 1 7  LEU 7  7  7  LEU LEU C . n 
C 1 8  THR 8  8  8  THR THR C . n 
C 1 9  GLN 9  9  9  GLN GLN C . n 
C 1 10 GLU 10 10 10 GLU GLU C . n 
C 1 11 GLN 11 11 11 GLN GLN C . n 
C 1 12 LEU 12 12 12 LEU LEU C . n 
C 1 13 GLU 13 13 13 GLU GLU C . n 
C 1 14 ASP 14 14 14 ASP ASP C . n 
C 1 15 ALA 15 15 15 ALA ALA C . n 
C 1 16 ARG 16 16 16 ARG ARG C . n 
C 1 17 ARG 17 17 17 ARG ARG C . n 
C 1 18 LEU 18 18 18 LEU LEU C . n 
C 1 19 LYS 19 19 19 LYS LYS C . n 
C 1 20 ALA 20 20 20 ALA ALA C . n 
C 1 21 ILE 21 21 21 ILE ILE C . n 
C 1 22 TYR 22 22 22 TYR TYR C . n 
C 1 23 GLU 23 23 23 GLU GLU C . n 
C 1 24 LYS 24 24 24 LYS LYS C . n 
C 1 25 LYS 25 25 25 LYS LYS C . n 
C 1 26 LYS 26 26 26 LYS LYS C . n 
C 1 27 ASN 27 27 27 ASN ASN C . n 
C 1 28 GLU 28 28 28 GLU GLU C . n 
C 1 29 LEU 29 29 29 LEU LEU C . n 
C 1 30 GLY 30 30 30 GLY GLY C . n 
C 1 31 LEU 31 31 31 LEU LEU C . n 
C 1 32 SER 32 32 32 SER SER C . n 
C 1 33 GLN 33 33 33 GLN GLN C . n 
C 1 34 GLU 34 34 34 GLU GLU C . n 
C 1 35 SER 35 35 35 SER SER C . n 
C 1 36 VAL 36 36 36 VAL VAL C . n 
C 1 37 ALA 37 37 37 ALA ALA C . n 
C 1 38 ASP 38 38 38 ASP ASP C . n 
C 1 39 LYS 39 39 39 LYS LYS C . n 
C 1 40 MET 40 40 40 MET MET C . n 
C 1 41 GLY 41 41 41 GLY GLY C . n 
C 1 42 MET 42 42 42 MET MET C . n 
C 1 43 GLY 43 43 43 GLY GLY C . n 
C 1 44 GLN 44 44 44 GLN GLN C . n 
C 1 45 SER 45 45 45 SER SER C . n 
C 1 46 GLY 46 46 46 GLY GLY C . n 
C 1 47 VAL 47 47 47 VAL VAL C . n 
C 1 48 GLY 48 48 48 GLY GLY C . n 
C 1 49 ALA 49 49 49 ALA ALA C . n 
C 1 50 LEU 50 50 50 LEU LEU C . n 
C 1 51 PHE 51 51 51 PHE PHE C . n 
C 1 52 ASN 52 52 52 ASN ASN C . n 
C 1 53 GLY 53 53 53 GLY GLY C . n 
C 1 54 ILE 54 54 54 ILE ILE C . n 
C 1 55 ASN 55 55 55 ASN ASN C . n 
C 1 56 ALA 56 56 56 ALA ALA C . n 
C 1 57 LEU 57 57 57 LEU LEU C . n 
C 1 58 ASN 58 58 58 ASN ASN C . n 
C 1 59 ALA 59 59 59 ALA ALA C . n 
C 1 60 TYR 60 60 60 TYR TYR C . n 
C 1 61 ASN 61 61 61 ASN ASN C . n 
C 1 62 ALA 62 62 62 ALA ALA C . n 
C 1 63 ALA 63 63 63 ALA ALA C . n 
C 1 64 LEU 64 64 64 LEU LEU C . n 
C 1 65 LEU 65 65 65 LEU LEU C . n 
C 1 66 ALA 66 66 66 ALA ALA C . n 
C 1 67 LYS 67 67 67 LYS LYS C . n 
C 1 68 ILE 68 68 68 ILE ILE C . n 
C 1 69 LEU 69 69 69 LEU LEU C . n 
C 1 70 LYS 70 70 70 LYS LYS C . n 
C 1 71 VAL 71 71 71 VAL VAL C . n 
C 1 72 SER 72 72 72 SER SER C . n 
C 1 73 VAL 73 73 73 VAL VAL C . n 
C 1 74 GLU 74 74 74 GLU GLU C . n 
C 1 75 GLU 75 75 75 GLU GLU C . n 
C 1 76 PHE 76 76 76 PHE PHE C . n 
C 1 77 SER 77 77 77 SER SER C . n 
C 1 78 PRO 78 78 78 PRO PRO C . n 
C 1 79 SER 79 79 79 SER SER C . n 
C 1 80 ILE 80 80 80 ILE ILE C . n 
C 1 81 ALA 81 81 81 ALA ALA C . n 
C 1 82 ARG 82 82 82 ARG ARG C . n 
C 1 83 GLU 83 83 83 GLU GLU C . n 
C 1 84 ILE 84 84 84 ILE ILE C . n 
C 1 85 TYR 85 85 85 TYR TYR C . n 
C 1 86 GLU 86 86 86 GLU GLU C . n 
C 1 87 MET 87 87 87 MET MET C . n 
C 1 88 TYR 88 88 88 TYR TYR C . n 
C 1 89 GLU 89 89 89 GLU GLU C . n 
C 1 90 ALA 90 90 90 ALA ALA C . n 
C 1 91 VAL 91 91 91 VAL VAL C . n 
C 1 92 SER 92 92 92 SER SER C . n 
# 
loop_
_pdbx_struct_assembly.id 
_pdbx_struct_assembly.details 
_pdbx_struct_assembly.method_details 
_pdbx_struct_assembly.oligomeric_details 
_pdbx_struct_assembly.oligomeric_count 
1 author_defined_assembly ? dimeric 2 
2 author_defined_assembly ? dimeric 2 
# 
loop_
_pdbx_struct_assembly_gen.assembly_id 
_pdbx_struct_assembly_gen.oper_expression 
_pdbx_struct_assembly_gen.asym_id_list 
1 1,2 A   
2 1   B,C 
# 
loop_
_pdbx_struct_oper_list.id 
_pdbx_struct_oper_list.type 
_pdbx_struct_oper_list.name 
_pdbx_struct_oper_list.symmetry_operation 
_pdbx_struct_oper_list.matrix[1][1] 
_pdbx_struct_oper_list.matrix[1][2] 
_pdbx_struct_oper_list.matrix[1][3] 
_pdbx_struct_oper_list.vector[1] 
_pdbx_struct_oper_list.matrix[2][1] 
_pdbx_struct_oper_list.matrix[2][2] 
_pdbx_struct_oper_list.matrix[2][3] 
_pdbx_struct_oper_list.vector[2] 
_pdbx_struct_oper_list.matrix[3][1] 
_pdbx_struct_oper_list.matrix[3][2] 
_pdbx_struct_oper_list.matrix[3][3] 
_pdbx_struct_oper_list.vector[3] 
1 'identity operation'       1_555 x,y,z 1.0000000000 0.0000000000 0.0000000000 0.0000000000 0.0000000000 1.0000000000 0.0000000000 0.0000000000 0.0000000000 0.0000000000 1.0000000000 0.0000000000 
2 'point symmetry operation' ?     ?     -0.99962149  -0.02491765  0.01092443   45.13642     -0.02547562  0.67708596   -0.73527027  0.44995      0.01117520   -0.73567482  -0.67746446  -0.53758          
# 
loop_
_pdbx_audit_revision_history.ordinal 
_pdbx_audit_revision_history.data_content_type 
_pdbx_audit_revision_history.major_revision 
_pdbx_audit_revision_history.minor_revision 
_pdbx_audit_revision_history.revision_date 
1 'Structure model' 1 0 1989-01-09 
2 'Structure model' 1 1 2008-03-24 
3 'Structure model' 1 2 2011-07-13 
4 'Structure model' 2 0 2023-09-27 
# 
loop_
_pdbx_audit_revision_details.ordinal 
_pdbx_audit_revision_details.revision_ordinal 
_pdbx_audit_revision_details.data_content_type 
_pdbx_audit_revision_details.provider 
_pdbx_audit_revision_details.type 
_pdbx_audit_revision_details.description 
_pdbx_audit_revision_details.details 
1 1 'Structure model' repository 'Initial release' ? ? 
2 4 'Structure model' repository Remediation       ? 
'Coordinates and associated ncs operations (if present) transformed into standard crystal frame' 
# 
loop_
_pdbx_audit_revision_group.ordinal 
_pdbx_audit_revision_group.revision_ordinal 
_pdbx_audit_revision_group.data_content_type 
_pdbx_audit_revision_group.group 
1  2 'Structure model' 'Version format compliance' 
2  3 'Structure model' Advisory                    
3  3 'Structure model' 'Version format compliance' 
4  4 'Structure model' Advisory                    
5  4 'Structure model' 'Atomic model'              
6  4 'Structure model' 'Data collection'           
7  4 'Structure model' 'Database references'       
8  4 'Structure model' 'Derived calculations'      
9  4 'Structure model' Other                       
10 4 'Structure model' 'Refinement description'    
# 
loop_
_pdbx_audit_revision_category.ordinal 
_pdbx_audit_revision_category.revision_ordinal 
_pdbx_audit_revision_category.data_content_type 
_pdbx_audit_revision_category.category 
1  4 'Structure model' atom_site             
2  4 'Structure model' atom_sites            
3  4 'Structure model' chem_comp_atom        
4  4 'Structure model' chem_comp_bond        
5  4 'Structure model' database_2            
6  4 'Structure model' database_PDB_matrix   
7  4 'Structure model' pdbx_database_remark  
8  4 'Structure model' pdbx_database_status  
9  4 'Structure model' pdbx_struct_oper_list 
10 4 'Structure model' struct_ncs_oper       
# 
loop_
_pdbx_audit_revision_item.ordinal 
_pdbx_audit_revision_item.revision_ordinal 
_pdbx_audit_revision_item.data_content_type 
_pdbx_audit_revision_item.item 
1  4 'Structure model' '_atom_site.Cartn_x'                        
2  4 'Structure model' '_atom_site.Cartn_y'                        
3  4 'Structure model' '_atom_site.Cartn_z'                        
4  4 'Structure model' '_atom_sites.fract_transf_matrix[1][1]'     
5  4 'Structure model' '_atom_sites.fract_transf_matrix[1][2]'     
6  4 'Structure model' '_atom_sites.fract_transf_matrix[1][3]'     
7  4 'Structure model' '_atom_sites.fract_transf_matrix[2][1]'     
8  4 'Structure model' '_atom_sites.fract_transf_matrix[2][2]'     
9  4 'Structure model' '_atom_sites.fract_transf_matrix[2][3]'     
10 4 'Structure model' '_atom_sites.fract_transf_matrix[3][1]'     
11 4 'Structure model' '_atom_sites.fract_transf_matrix[3][2]'     
12 4 'Structure model' '_atom_sites.fract_transf_matrix[3][3]'     
13 4 'Structure model' '_atom_sites.fract_transf_vector[1]'        
14 4 'Structure model' '_atom_sites.fract_transf_vector[2]'        
15 4 'Structure model' '_atom_sites.fract_transf_vector[3]'        
16 4 'Structure model' '_database_2.pdbx_DOI'                      
17 4 'Structure model' '_database_2.pdbx_database_accession'       
18 4 'Structure model' '_database_PDB_matrix.origx[1][1]'          
19 4 'Structure model' '_database_PDB_matrix.origx[1][2]'          
20 4 'Structure model' '_database_PDB_matrix.origx[1][3]'          
21 4 'Structure model' '_database_PDB_matrix.origx[2][1]'          
22 4 'Structure model' '_database_PDB_matrix.origx[2][2]'          
23 4 'Structure model' '_database_PDB_matrix.origx[2][3]'          
24 4 'Structure model' '_database_PDB_matrix.origx[3][1]'          
25 4 'Structure model' '_database_PDB_matrix.origx[3][2]'          
26 4 'Structure model' '_database_PDB_matrix.origx[3][3]'          
27 4 'Structure model' '_database_PDB_matrix.origx_vector[1]'      
28 4 'Structure model' '_database_PDB_matrix.origx_vector[2]'      
29 4 'Structure model' '_database_PDB_matrix.origx_vector[3]'      
30 4 'Structure model' '_pdbx_database_status.process_site'        
31 4 'Structure model' '_pdbx_struct_oper_list.matrix[1][1]'       
32 4 'Structure model' '_pdbx_struct_oper_list.matrix[1][2]'       
33 4 'Structure model' '_pdbx_struct_oper_list.matrix[2][1]'       
34 4 'Structure model' '_pdbx_struct_oper_list.matrix[2][2]'       
35 4 'Structure model' '_pdbx_struct_oper_list.matrix[3][1]'       
36 4 'Structure model' '_pdbx_struct_oper_list.name'               
37 4 'Structure model' '_pdbx_struct_oper_list.symmetry_operation' 
38 4 'Structure model' '_pdbx_struct_oper_list.type'               
39 4 'Structure model' '_struct_ncs_oper.matrix[1][1]'             
40 4 'Structure model' '_struct_ncs_oper.matrix[1][2]'             
41 4 'Structure model' '_struct_ncs_oper.matrix[1][3]'             
42 4 'Structure model' '_struct_ncs_oper.matrix[2][1]'             
43 4 'Structure model' '_struct_ncs_oper.matrix[2][2]'             
44 4 'Structure model' '_struct_ncs_oper.matrix[2][3]'             
45 4 'Structure model' '_struct_ncs_oper.matrix[3][1]'             
46 4 'Structure model' '_struct_ncs_oper.matrix[3][2]'             
47 4 'Structure model' '_struct_ncs_oper.matrix[3][3]'             
48 4 'Structure model' '_struct_ncs_oper.vector[1]'                
49 4 'Structure model' '_struct_ncs_oper.vector[2]'                
50 4 'Structure model' '_struct_ncs_oper.vector[3]'                
# 
loop_
_pdbx_unobs_or_zero_occ_residues.id 
_pdbx_unobs_or_zero_occ_residues.PDB_model_num 
_pdbx_unobs_or_zero_occ_residues.polymer_flag 
_pdbx_unobs_or_zero_occ_residues.occupancy_flag 
_pdbx_unobs_or_zero_occ_residues.auth_asym_id 
_pdbx_unobs_or_zero_occ_residues.auth_comp_id 
_pdbx_unobs_or_zero_occ_residues.auth_seq_id 
_pdbx_unobs_or_zero_occ_residues.PDB_ins_code 
_pdbx_unobs_or_zero_occ_residues.label_asym_id 
_pdbx_unobs_or_zero_occ_residues.label_comp_id 
_pdbx_unobs_or_zero_occ_residues.label_seq_id 
1 1 Y 1 A SER 1 ? A SER 1 
2 1 Y 1 A THR 2 ? A THR 2 
3 1 Y 1 A LYS 3 ? A LYS 3 
4 1 Y 1 B SER 1 ? B SER 1 
5 1 Y 1 B THR 2 ? B THR 2 
6 1 Y 1 B LYS 3 ? B LYS 3 
7 1 Y 1 C SER 1 ? C SER 1 
8 1 Y 1 C THR 2 ? C THR 2 
9 1 Y 1 C LYS 3 ? C LYS 3 
# 
loop_
_chem_comp_atom.comp_id 
_chem_comp_atom.atom_id 
_chem_comp_atom.type_symbol 
_chem_comp_atom.pdbx_aromatic_flag 
_chem_comp_atom.pdbx_stereo_config 
_chem_comp_atom.pdbx_ordinal 
ALA N    N N N 1   
ALA CA   C N S 2   
ALA C    C N N 3   
ALA O    O N N 4   
ALA CB   C N N 5   
ALA OXT  O N N 6   
ALA H    H N N 7   
ALA H2   H N N 8   
ALA HA   H N N 9   
ALA HB1  H N N 10  
ALA HB2  H N N 11  
ALA HB3  H N N 12  
ALA HXT  H N N 13  
ARG N    N N N 14  
ARG CA   C N S 15  
ARG C    C N N 16  
ARG O    O N N 17  
ARG CB   C N N 18  
ARG CG   C N N 19  
ARG CD   C N N 20  
ARG NE   N N N 21  
ARG CZ   C N N 22  
ARG NH1  N N N 23  
ARG NH2  N N N 24  
ARG OXT  O N N 25  
ARG H    H N N 26  
ARG H2   H N N 27  
ARG HA   H N N 28  
ARG HB2  H N N 29  
ARG HB3  H N N 30  
ARG HG2  H N N 31  
ARG HG3  H N N 32  
ARG HD2  H N N 33  
ARG HD3  H N N 34  
ARG HE   H N N 35  
ARG HH11 H N N 36  
ARG HH12 H N N 37  
ARG HH21 H N N 38  
ARG HH22 H N N 39  
ARG HXT  H N N 40  
ASN N    N N N 41  
ASN CA   C N S 42  
ASN C    C N N 43  
ASN O    O N N 44  
ASN CB   C N N 45  
ASN CG   C N N 46  
ASN OD1  O N N 47  
ASN ND2  N N N 48  
ASN OXT  O N N 49  
ASN H    H N N 50  
ASN H2   H N N 51  
ASN HA   H N N 52  
ASN HB2  H N N 53  
ASN HB3  H N N 54  
ASN HD21 H N N 55  
ASN HD22 H N N 56  
ASN HXT  H N N 57  
ASP N    N N N 58  
ASP CA   C N S 59  
ASP C    C N N 60  
ASP O    O N N 61  
ASP CB   C N N 62  
ASP CG   C N N 63  
ASP OD1  O N N 64  
ASP OD2  O N N 65  
ASP OXT  O N N 66  
ASP H    H N N 67  
ASP H2   H N N 68  
ASP HA   H N N 69  
ASP HB2  H N N 70  
ASP HB3  H N N 71  
ASP HD2  H N N 72  
ASP HXT  H N N 73  
GLN N    N N N 74  
GLN CA   C N S 75  
GLN C    C N N 76  
GLN O    O N N 77  
GLN CB   C N N 78  
GLN CG   C N N 79  
GLN CD   C N N 80  
GLN OE1  O N N 81  
GLN NE2  N N N 82  
GLN OXT  O N N 83  
GLN H    H N N 84  
GLN H2   H N N 85  
GLN HA   H N N 86  
GLN HB2  H N N 87  
GLN HB3  H N N 88  
GLN HG2  H N N 89  
GLN HG3  H N N 90  
GLN HE21 H N N 91  
GLN HE22 H N N 92  
GLN HXT  H N N 93  
GLU N    N N N 94  
GLU CA   C N S 95  
GLU C    C N N 96  
GLU O    O N N 97  
GLU CB   C N N 98  
GLU CG   C N N 99  
GLU CD   C N N 100 
GLU OE1  O N N 101 
GLU OE2  O N N 102 
GLU OXT  O N N 103 
GLU H    H N N 104 
GLU H2   H N N 105 
GLU HA   H N N 106 
GLU HB2  H N N 107 
GLU HB3  H N N 108 
GLU HG2  H N N 109 
GLU HG3  H N N 110 
GLU HE2  H N N 111 
GLU HXT  H N N 112 
GLY N    N N N 113 
GLY CA   C N N 114 
GLY C    C N N 115 
GLY O    O N N 116 
GLY OXT  O N N 117 
GLY H    H N N 118 
GLY H2   H N N 119 
GLY HA2  H N N 120 
GLY HA3  H N N 121 
GLY HXT  H N N 122 
ILE N    N N N 123 
ILE CA   C N S 124 
ILE C    C N N 125 
ILE O    O N N 126 
ILE CB   C N S 127 
ILE CG1  C N N 128 
ILE CG2  C N N 129 
ILE CD1  C N N 130 
ILE OXT  O N N 131 
ILE H    H N N 132 
ILE H2   H N N 133 
ILE HA   H N N 134 
ILE HB   H N N 135 
ILE HG12 H N N 136 
ILE HG13 H N N 137 
ILE HG21 H N N 138 
ILE HG22 H N N 139 
ILE HG23 H N N 140 
ILE HD11 H N N 141 
ILE HD12 H N N 142 
ILE HD13 H N N 143 
ILE HXT  H N N 144 
LEU N    N N N 145 
LEU CA   C N S 146 
LEU C    C N N 147 
LEU O    O N N 148 
LEU CB   C N N 149 
LEU CG   C N N 150 
LEU CD1  C N N 151 
LEU CD2  C N N 152 
LEU OXT  O N N 153 
LEU H    H N N 154 
LEU H2   H N N 155 
LEU HA   H N N 156 
LEU HB2  H N N 157 
LEU HB3  H N N 158 
LEU HG   H N N 159 
LEU HD11 H N N 160 
LEU HD12 H N N 161 
LEU HD13 H N N 162 
LEU HD21 H N N 163 
LEU HD22 H N N 164 
LEU HD23 H N N 165 
LEU HXT  H N N 166 
LYS N    N N N 167 
LYS CA   C N S 168 
LYS C    C N N 169 
LYS O    O N N 170 
LYS CB   C N N 171 
LYS CG   C N N 172 
LYS CD   C N N 173 
LYS CE   C N N 174 
LYS NZ   N N N 175 
LYS OXT  O N N 176 
LYS H    H N N 177 
LYS H2   H N N 178 
LYS HA   H N N 179 
LYS HB2  H N N 180 
LYS HB3  H N N 181 
LYS HG2  H N N 182 
LYS HG3  H N N 183 
LYS HD2  H N N 184 
LYS HD3  H N N 185 
LYS HE2  H N N 186 
LYS HE3  H N N 187 
LYS HZ1  H N N 188 
LYS HZ2  H N N 189 
LYS HZ3  H N N 190 
LYS HXT  H N N 191 
MET N    N N N 192 
MET CA   C N S 193 
MET C    C N N 194 
MET O    O N N 195 
MET CB   C N N 196 
MET CG   C N N 197 
MET SD   S N N 198 
MET CE   C N N 199 
MET OXT  O N N 200 
MET H    H N N 201 
MET H2   H N N 202 
MET HA   H N N 203 
MET HB2  H N N 204 
MET HB3  H N N 205 
MET HG2  H N N 206 
MET HG3  H N N 207 
MET HE1  H N N 208 
MET HE2  H N N 209 
MET HE3  H N N 210 
MET HXT  H N N 211 
PHE N    N N N 212 
PHE CA   C N S 213 
PHE C    C N N 214 
PHE O    O N N 215 
PHE CB   C N N 216 
PHE CG   C Y N 217 
PHE CD1  C Y N 218 
PHE CD2  C Y N 219 
PHE CE1  C Y N 220 
PHE CE2  C Y N 221 
PHE CZ   C Y N 222 
PHE OXT  O N N 223 
PHE H    H N N 224 
PHE H2   H N N 225 
PHE HA   H N N 226 
PHE HB2  H N N 227 
PHE HB3  H N N 228 
PHE HD1  H N N 229 
PHE HD2  H N N 230 
PHE HE1  H N N 231 
PHE HE2  H N N 232 
PHE HZ   H N N 233 
PHE HXT  H N N 234 
PRO N    N N N 235 
PRO CA   C N S 236 
PRO C    C N N 237 
PRO O    O N N 238 
PRO CB   C N N 239 
PRO CG   C N N 240 
PRO CD   C N N 241 
PRO OXT  O N N 242 
PRO H    H N N 243 
PRO HA   H N N 244 
PRO HB2  H N N 245 
PRO HB3  H N N 246 
PRO HG2  H N N 247 
PRO HG3  H N N 248 
PRO HD2  H N N 249 
PRO HD3  H N N 250 
PRO HXT  H N N 251 
SER N    N N N 252 
SER CA   C N S 253 
SER C    C N N 254 
SER O    O N N 255 
SER CB   C N N 256 
SER OG   O N N 257 
SER OXT  O N N 258 
SER H    H N N 259 
SER H2   H N N 260 
SER HA   H N N 261 
SER HB2  H N N 262 
SER HB3  H N N 263 
SER HG   H N N 264 
SER HXT  H N N 265 
THR N    N N N 266 
THR CA   C N S 267 
THR C    C N N 268 
THR O    O N N 269 
THR CB   C N R 270 
THR OG1  O N N 271 
THR CG2  C N N 272 
THR OXT  O N N 273 
THR H    H N N 274 
THR H2   H N N 275 
THR HA   H N N 276 
THR HB   H N N 277 
THR HG1  H N N 278 
THR HG21 H N N 279 
THR HG22 H N N 280 
THR HG23 H N N 281 
THR HXT  H N N 282 
TYR N    N N N 283 
TYR CA   C N S 284 
TYR C    C N N 285 
TYR O    O N N 286 
TYR CB   C N N 287 
TYR CG   C Y N 288 
TYR CD1  C Y N 289 
TYR CD2  C Y N 290 
TYR CE1  C Y N 291 
TYR CE2  C Y N 292 
TYR CZ   C Y N 293 
TYR OH   O N N 294 
TYR OXT  O N N 295 
TYR H    H N N 296 
TYR H2   H N N 297 
TYR HA   H N N 298 
TYR HB2  H N N 299 
TYR HB3  H N N 300 
TYR HD1  H N N 301 
TYR HD2  H N N 302 
TYR HE1  H N N 303 
TYR HE2  H N N 304 
TYR HH   H N N 305 
TYR HXT  H N N 306 
VAL N    N N N 307 
VAL CA   C N S 308 
VAL C    C N N 309 
VAL O    O N N 310 
VAL CB   C N N 311 
VAL CG1  C N N 312 
VAL CG2  C N N 313 
VAL OXT  O N N 314 
VAL H    H N N 315 
VAL H2   H N N 316 
VAL HA   H N N 317 
VAL HB   H N N 318 
VAL HG11 H N N 319 
VAL HG12 H N N 320 
VAL HG13 H N N 321 
VAL HG21 H N N 322 
VAL HG22 H N N 323 
VAL HG23 H N N 324 
VAL HXT  H N N 325 
# 
loop_
_chem_comp_bond.comp_id 
_chem_comp_bond.atom_id_1 
_chem_comp_bond.atom_id_2 
_chem_comp_bond.value_order 
_chem_comp_bond.pdbx_aromatic_flag 
_chem_comp_bond.pdbx_stereo_config 
_chem_comp_bond.pdbx_ordinal 
ALA N   CA   sing N N 1   
ALA N   H    sing N N 2   
ALA N   H2   sing N N 3   
ALA CA  C    sing N N 4   
ALA CA  CB   sing N N 5   
ALA CA  HA   sing N N 6   
ALA C   O    doub N N 7   
ALA C   OXT  sing N N 8   
ALA CB  HB1  sing N N 9   
ALA CB  HB2  sing N N 10  
ALA CB  HB3  sing N N 11  
ALA OXT HXT  sing N N 12  
ARG N   CA   sing N N 13  
ARG N   H    sing N N 14  
ARG N   H2   sing N N 15  
ARG CA  C    sing N N 16  
ARG CA  CB   sing N N 17  
ARG CA  HA   sing N N 18  
ARG C   O    doub N N 19  
ARG C   OXT  sing N N 20  
ARG CB  CG   sing N N 21  
ARG CB  HB2  sing N N 22  
ARG CB  HB3  sing N N 23  
ARG CG  CD   sing N N 24  
ARG CG  HG2  sing N N 25  
ARG CG  HG3  sing N N 26  
ARG CD  NE   sing N N 27  
ARG CD  HD2  sing N N 28  
ARG CD  HD3  sing N N 29  
ARG NE  CZ   sing N N 30  
ARG NE  HE   sing N N 31  
ARG CZ  NH1  sing N N 32  
ARG CZ  NH2  doub N N 33  
ARG NH1 HH11 sing N N 34  
ARG NH1 HH12 sing N N 35  
ARG NH2 HH21 sing N N 36  
ARG NH2 HH22 sing N N 37  
ARG OXT HXT  sing N N 38  
ASN N   CA   sing N N 39  
ASN N   H    sing N N 40  
ASN N   H2   sing N N 41  
ASN CA  C    sing N N 42  
ASN CA  CB   sing N N 43  
ASN CA  HA   sing N N 44  
ASN C   O    doub N N 45  
ASN C   OXT  sing N N 46  
ASN CB  CG   sing N N 47  
ASN CB  HB2  sing N N 48  
ASN CB  HB3  sing N N 49  
ASN CG  OD1  doub N N 50  
ASN CG  ND2  sing N N 51  
ASN ND2 HD21 sing N N 52  
ASN ND2 HD22 sing N N 53  
ASN OXT HXT  sing N N 54  
ASP N   CA   sing N N 55  
ASP N   H    sing N N 56  
ASP N   H2   sing N N 57  
ASP CA  C    sing N N 58  
ASP CA  CB   sing N N 59  
ASP CA  HA   sing N N 60  
ASP C   O    doub N N 61  
ASP C   OXT  sing N N 62  
ASP CB  CG   sing N N 63  
ASP CB  HB2  sing N N 64  
ASP CB  HB3  sing N N 65  
ASP CG  OD1  doub N N 66  
ASP CG  OD2  sing N N 67  
ASP OD2 HD2  sing N N 68  
ASP OXT HXT  sing N N 69  
GLN N   CA   sing N N 70  
GLN N   H    sing N N 71  
GLN N   H2   sing N N 72  
GLN CA  C    sing N N 73  
GLN CA  CB   sing N N 74  
GLN CA  HA   sing N N 75  
GLN C   O    doub N N 76  
GLN C   OXT  sing N N 77  
GLN CB  CG   sing N N 78  
GLN CB  HB2  sing N N 79  
GLN CB  HB3  sing N N 80  
GLN CG  CD   sing N N 81  
GLN CG  HG2  sing N N 82  
GLN CG  HG3  sing N N 83  
GLN CD  OE1  doub N N 84  
GLN CD  NE2  sing N N 85  
GLN NE2 HE21 sing N N 86  
GLN NE2 HE22 sing N N 87  
GLN OXT HXT  sing N N 88  
GLU N   CA   sing N N 89  
GLU N   H    sing N N 90  
GLU N   H2   sing N N 91  
GLU CA  C    sing N N 92  
GLU CA  CB   sing N N 93  
GLU CA  HA   sing N N 94  
GLU C   O    doub N N 95  
GLU C   OXT  sing N N 96  
GLU CB  CG   sing N N 97  
GLU CB  HB2  sing N N 98  
GLU CB  HB3  sing N N 99  
GLU CG  CD   sing N N 100 
GLU CG  HG2  sing N N 101 
GLU CG  HG3  sing N N 102 
GLU CD  OE1  doub N N 103 
GLU CD  OE2  sing N N 104 
GLU OE2 HE2  sing N N 105 
GLU OXT HXT  sing N N 106 
GLY N   CA   sing N N 107 
GLY N   H    sing N N 108 
GLY N   H2   sing N N 109 
GLY CA  C    sing N N 110 
GLY CA  HA2  sing N N 111 
GLY CA  HA3  sing N N 112 
GLY C   O    doub N N 113 
GLY C   OXT  sing N N 114 
GLY OXT HXT  sing N N 115 
ILE N   CA   sing N N 116 
ILE N   H    sing N N 117 
ILE N   H2   sing N N 118 
ILE CA  C    sing N N 119 
ILE CA  CB   sing N N 120 
ILE CA  HA   sing N N 121 
ILE C   O    doub N N 122 
ILE C   OXT  sing N N 123 
ILE CB  CG1  sing N N 124 
ILE CB  CG2  sing N N 125 
ILE CB  HB   sing N N 126 
ILE CG1 CD1  sing N N 127 
ILE CG1 HG12 sing N N 128 
ILE CG1 HG13 sing N N 129 
ILE CG2 HG21 sing N N 130 
ILE CG2 HG22 sing N N 131 
ILE CG2 HG23 sing N N 132 
ILE CD1 HD11 sing N N 133 
ILE CD1 HD12 sing N N 134 
ILE CD1 HD13 sing N N 135 
ILE OXT HXT  sing N N 136 
LEU N   CA   sing N N 137 
LEU N   H    sing N N 138 
LEU N   H2   sing N N 139 
LEU CA  C    sing N N 140 
LEU CA  CB   sing N N 141 
LEU CA  HA   sing N N 142 
LEU C   O    doub N N 143 
LEU C   OXT  sing N N 144 
LEU CB  CG   sing N N 145 
LEU CB  HB2  sing N N 146 
LEU CB  HB3  sing N N 147 
LEU CG  CD1  sing N N 148 
LEU CG  CD2  sing N N 149 
LEU CG  HG   sing N N 150 
LEU CD1 HD11 sing N N 151 
LEU CD1 HD12 sing N N 152 
LEU CD1 HD13 sing N N 153 
LEU CD2 HD21 sing N N 154 
LEU CD2 HD22 sing N N 155 
LEU CD2 HD23 sing N N 156 
LEU OXT HXT  sing N N 157 
LYS N   CA   sing N N 158 
LYS N   H    sing N N 159 
LYS N   H2   sing N N 160 
LYS CA  C    sing N N 161 
LYS CA  CB   sing N N 162 
LYS CA  HA   sing N N 163 
LYS C   O    doub N N 164 
LYS C   OXT  sing N N 165 
LYS CB  CG   sing N N 166 
LYS CB  HB2  sing N N 167 
LYS CB  HB3  sing N N 168 
LYS CG  CD   sing N N 169 
LYS CG  HG2  sing N N 170 
LYS CG  HG3  sing N N 171 
LYS CD  CE   sing N N 172 
LYS CD  HD2  sing N N 173 
LYS CD  HD3  sing N N 174 
LYS CE  NZ   sing N N 175 
LYS CE  HE2  sing N N 176 
LYS CE  HE3  sing N N 177 
LYS NZ  HZ1  sing N N 178 
LYS NZ  HZ2  sing N N 179 
LYS NZ  HZ3  sing N N 180 
LYS OXT HXT  sing N N 181 
MET N   CA   sing N N 182 
MET N   H    sing N N 183 
MET N   H2   sing N N 184 
MET CA  C    sing N N 185 
MET CA  CB   sing N N 186 
MET CA  HA   sing N N 187 
MET C   O    doub N N 188 
MET C   OXT  sing N N 189 
MET CB  CG   sing N N 190 
MET CB  HB2  sing N N 191 
MET CB  HB3  sing N N 192 
MET CG  SD   sing N N 193 
MET CG  HG2  sing N N 194 
MET CG  HG3  sing N N 195 
MET SD  CE   sing N N 196 
MET CE  HE1  sing N N 197 
MET CE  HE2  sing N N 198 
MET CE  HE3  sing N N 199 
MET OXT HXT  sing N N 200 
PHE N   CA   sing N N 201 
PHE N   H    sing N N 202 
PHE N   H2   sing N N 203 
PHE CA  C    sing N N 204 
PHE CA  CB   sing N N 205 
PHE CA  HA   sing N N 206 
PHE C   O    doub N N 207 
PHE C   OXT  sing N N 208 
PHE CB  CG   sing N N 209 
PHE CB  HB2  sing N N 210 
PHE CB  HB3  sing N N 211 
PHE CG  CD1  doub Y N 212 
PHE CG  CD2  sing Y N 213 
PHE CD1 CE1  sing Y N 214 
PHE CD1 HD1  sing N N 215 
PHE CD2 CE2  doub Y N 216 
PHE CD2 HD2  sing N N 217 
PHE CE1 CZ   doub Y N 218 
PHE CE1 HE1  sing N N 219 
PHE CE2 CZ   sing Y N 220 
PHE CE2 HE2  sing N N 221 
PHE CZ  HZ   sing N N 222 
PHE OXT HXT  sing N N 223 
PRO N   CA   sing N N 224 
PRO N   CD   sing N N 225 
PRO N   H    sing N N 226 
PRO CA  C    sing N N 227 
PRO CA  CB   sing N N 228 
PRO CA  HA   sing N N 229 
PRO C   O    doub N N 230 
PRO C   OXT  sing N N 231 
PRO CB  CG   sing N N 232 
PRO CB  HB2  sing N N 233 
PRO CB  HB3  sing N N 234 
PRO CG  CD   sing N N 235 
PRO CG  HG2  sing N N 236 
PRO CG  HG3  sing N N 237 
PRO CD  HD2  sing N N 238 
PRO CD  HD3  sing N N 239 
PRO OXT HXT  sing N N 240 
SER N   CA   sing N N 241 
SER N   H    sing N N 242 
SER N   H2   sing N N 243 
SER CA  C    sing N N 244 
SER CA  CB   sing N N 245 
SER CA  HA   sing N N 246 
SER C   O    doub N N 247 
SER C   OXT  sing N N 248 
SER CB  OG   sing N N 249 
SER CB  HB2  sing N N 250 
SER CB  HB3  sing N N 251 
SER OG  HG   sing N N 252 
SER OXT HXT  sing N N 253 
THR N   CA   sing N N 254 
THR N   H    sing N N 255 
THR N   H2   sing N N 256 
THR CA  C    sing N N 257 
THR CA  CB   sing N N 258 
THR CA  HA   sing N N 259 
THR C   O    doub N N 260 
THR C   OXT  sing N N 261 
THR CB  OG1  sing N N 262 
THR CB  CG2  sing N N 263 
THR CB  HB   sing N N 264 
THR OG1 HG1  sing N N 265 
THR CG2 HG21 sing N N 266 
THR CG2 HG22 sing N N 267 
THR CG2 HG23 sing N N 268 
THR OXT HXT  sing N N 269 
TYR N   CA   sing N N 270 
TYR N   H    sing N N 271 
TYR N   H2   sing N N 272 
TYR CA  C    sing N N 273 
TYR CA  CB   sing N N 274 
TYR CA  HA   sing N N 275 
TYR C   O    doub N N 276 
TYR C   OXT  sing N N 277 
TYR CB  CG   sing N N 278 
TYR CB  HB2  sing N N 279 
TYR CB  HB3  sing N N 280 
TYR CG  CD1  doub Y N 281 
TYR CG  CD2  sing Y N 282 
TYR CD1 CE1  sing Y N 283 
TYR CD1 HD1  sing N N 284 
TYR CD2 CE2  doub Y N 285 
TYR CD2 HD2  sing N N 286 
TYR CE1 CZ   doub Y N 287 
TYR CE1 HE1  sing N N 288 
TYR CE2 CZ   sing Y N 289 
TYR CE2 HE2  sing N N 290 
TYR CZ  OH   sing N N 291 
TYR OH  HH   sing N N 292 
TYR OXT HXT  sing N N 293 
VAL N   CA   sing N N 294 
VAL N   H    sing N N 295 
VAL N   H2   sing N N 296 
VAL CA  C    sing N N 297 
VAL CA  CB   sing N N 298 
VAL CA  HA   sing N N 299 
VAL C   O    doub N N 300 
VAL C   OXT  sing N N 301 
VAL CB  CG1  sing N N 302 
VAL CB  CG2  sing N N 303 
VAL CB  HB   sing N N 304 
VAL CG1 HG11 sing N N 305 
VAL CG1 HG12 sing N N 306 
VAL CG1 HG13 sing N N 307 
VAL CG2 HG21 sing N N 308 
VAL CG2 HG22 sing N N 309 
VAL CG2 HG23 sing N N 310 
VAL OXT HXT  sing N N 311 
# 
loop_
_pdbx_coordinate_model.asym_id 
_pdbx_coordinate_model.type 
A 'CA ATOMS ONLY' 
B 'CA ATOMS ONLY' 
C 'CA ATOMS ONLY' 
# 
